data_3ETN
#
_entry.id   3ETN
#
_cell.length_a   60.409
_cell.length_b   114.267
_cell.length_c   115.917
_cell.angle_alpha   90.000
_cell.angle_beta   90.000
_cell.angle_gamma   90.000
#
_symmetry.space_group_name_H-M   'P 21 21 21'
#
loop_
_entity.id
_entity.type
_entity.pdbx_description
1 polymer 'putative phosphosugar isomerase involved in capsule formation'
2 non-polymer "CYTIDINE 5'-MONOPHOSPHATE 3-DEOXY-BETA-D-GULO-OCT-2-ULO-PYRANOSONIC ACID"
3 non-polymer 1,2-ETHANEDIOL
4 water water
#
_entity_poly.entity_id   1
_entity_poly.type   'polypeptide(L)'
_entity_poly.pdbx_seq_one_letter_code
;(MSE)GSDKIHHHHHHENLYFQG(MSE)IESIQELLQKEAQAVLNIPVTDAYEKAVELIVEQIHRKKGKLVTSG(MSE)G
KAGQIA(MSE)NIATTFCSTGIPSVFLHPSEAQHGDLGILQENDLLLLISNSGKTREIVELTQLAHNLNPGLKFIVITGN
PDSPLASESDVCLSTGHPAEVCTLG(MSE)TPTTSTTV(MSE)TVIGDILVVQT(MSE)KRTEFTIEEYSKRHHGGYLGE
KSRKLCVK
;
_entity_poly.pdbx_strand_id   A,B,C,D
#
loop_
_chem_comp.id
_chem_comp.type
_chem_comp.name
_chem_comp.formula
CMK non-polymer 'CYTIDINE 5'-MONOPHOSPHATE 3-DEOXY-BETA-D-GULO-OCT-2-ULO-PYRANOSONIC ACID' 'C17 H26 N3 O15 P'
EDO non-polymer 1,2-ETHANEDIOL 'C2 H6 O2'
#
# COMPACT_ATOMS: atom_id res chain seq x y z
N GLY A 19 -38.88 -2.43 -1.79
CA GLY A 19 -38.32 -1.36 -0.94
C GLY A 19 -36.87 -1.67 -0.61
N MSE A 20 -36.06 -0.63 -0.50
CA MSE A 20 -34.64 -0.81 -0.23
C MSE A 20 -34.40 -1.46 1.14
O MSE A 20 -33.52 -2.32 1.27
CB MSE A 20 -33.83 0.50 -0.33
CG MSE A 20 -32.34 0.18 -0.28
SE MSE A 20 -31.13 1.65 -0.59
CE MSE A 20 -31.57 1.99 -2.41
N ILE A 21 -35.15 -1.06 2.17
CA ILE A 21 -34.96 -1.64 3.49
C ILE A 21 -35.14 -3.16 3.47
N GLU A 22 -36.17 -3.64 2.79
CA GLU A 22 -36.41 -5.07 2.71
C GLU A 22 -35.31 -5.77 1.93
N SER A 23 -34.82 -5.12 0.88
CA SER A 23 -33.74 -5.69 0.07
C SER A 23 -32.44 -5.82 0.89
N ILE A 24 -32.16 -4.82 1.71
CA ILE A 24 -30.96 -4.86 2.55
C ILE A 24 -31.09 -5.94 3.65
N GLN A 25 -32.28 -6.10 4.19
CA GLN A 25 -32.54 -7.16 5.18
C GLN A 25 -32.29 -8.53 4.60
N GLU A 26 -32.70 -8.74 3.36
CA GLU A 26 -32.39 -9.98 2.65
C GLU A 26 -30.89 -10.18 2.50
N LEU A 27 -30.17 -9.10 2.17
CA LEU A 27 -28.71 -9.16 2.06
CA LEU A 27 -28.73 -9.20 2.04
C LEU A 27 -28.08 -9.61 3.38
N LEU A 28 -28.54 -9.00 4.47
CA LEU A 28 -28.03 -9.37 5.80
C LEU A 28 -28.25 -10.85 6.11
N GLN A 29 -29.45 -11.34 5.80
CA GLN A 29 -29.73 -12.79 5.96
C GLN A 29 -28.76 -13.66 5.17
N LYS A 30 -28.50 -13.29 3.93
CA LYS A 30 -27.56 -14.04 3.08
C LYS A 30 -26.13 -14.00 3.59
N GLU A 31 -25.67 -12.84 4.01
CA GLU A 31 -24.32 -12.72 4.57
C GLU A 31 -24.20 -13.50 5.89
N ALA A 32 -25.20 -13.37 6.77
CA ALA A 32 -25.16 -14.06 8.05
C ALA A 32 -25.17 -15.57 7.80
N GLN A 33 -25.97 -16.01 6.83
CA GLN A 33 -26.08 -17.43 6.55
C GLN A 33 -24.75 -17.99 6.01
N ALA A 34 -24.07 -17.20 5.17
CA ALA A 34 -22.74 -17.57 4.71
C ALA A 34 -21.76 -17.77 5.85
N VAL A 35 -21.78 -16.86 6.82
CA VAL A 35 -20.94 -17.00 8.01
C VAL A 35 -21.31 -18.24 8.83
N LEU A 36 -22.60 -18.47 9.04
CA LEU A 36 -23.03 -19.66 9.78
C LEU A 36 -22.61 -20.95 9.09
N ASN A 37 -22.47 -20.89 7.77
CA ASN A 37 -22.16 -22.05 6.94
C ASN A 37 -20.66 -22.35 6.78
N ILE A 38 -19.79 -21.52 7.36
CA ILE A 38 -18.34 -21.76 7.23
C ILE A 38 -18.05 -23.15 7.84
N PRO A 39 -17.43 -24.05 7.06
CA PRO A 39 -17.25 -25.42 7.57
C PRO A 39 -16.16 -25.49 8.62
N VAL A 40 -16.51 -26.03 9.80
CA VAL A 40 -15.58 -26.10 10.92
C VAL A 40 -15.13 -27.53 11.15
N THR A 41 -13.83 -27.75 10.94
CA THR A 41 -13.23 -29.07 11.10
C THR A 41 -11.95 -28.90 11.93
N ASP A 42 -11.23 -30.00 12.12
CA ASP A 42 -9.93 -29.98 12.82
CA ASP A 42 -9.95 -29.92 12.84
C ASP A 42 -8.87 -29.14 12.06
N ALA A 43 -9.14 -28.79 10.81
CA ALA A 43 -8.24 -27.89 10.06
C ALA A 43 -7.90 -26.58 10.84
N TYR A 44 -8.87 -26.04 11.58
CA TYR A 44 -8.66 -24.81 12.37
C TYR A 44 -7.64 -25.04 13.46
N GLU A 45 -7.81 -26.11 14.24
CA GLU A 45 -6.83 -26.42 15.26
C GLU A 45 -5.43 -26.62 14.63
N LYS A 46 -5.36 -27.31 13.50
CA LYS A 46 -4.09 -27.52 12.83
C LYS A 46 -3.45 -26.19 12.40
N ALA A 47 -4.27 -25.29 11.88
CA ALA A 47 -3.79 -23.96 11.45
C ALA A 47 -3.30 -23.14 12.64
N VAL A 48 -4.08 -23.16 13.73
CA VAL A 48 -3.70 -22.43 14.94
C VAL A 48 -2.41 -22.99 15.54
N GLU A 49 -2.27 -24.32 15.55
CA GLU A 49 -1.08 -24.93 16.08
CA GLU A 49 -1.06 -24.95 16.06
C GLU A 49 0.15 -24.50 15.26
N LEU A 50 0.01 -24.41 13.92
CA LEU A 50 1.12 -23.95 13.09
C LEU A 50 1.52 -22.51 13.42
N ILE A 51 0.51 -21.65 13.59
CA ILE A 51 0.75 -20.25 13.91
C ILE A 51 1.44 -20.14 15.27
N VAL A 52 0.96 -20.89 16.26
CA VAL A 52 1.55 -20.87 17.59
C VAL A 52 2.98 -21.39 17.56
N GLU A 53 3.20 -22.47 16.81
CA GLU A 53 4.50 -23.07 16.70
C GLU A 53 5.50 -22.17 15.99
N GLN A 54 5.14 -21.68 14.80
CA GLN A 54 6.11 -20.95 13.97
C GLN A 54 6.36 -19.54 14.48
N ILE A 55 5.31 -18.84 14.90
CA ILE A 55 5.43 -17.47 15.32
C ILE A 55 5.62 -17.35 16.84
N HIS A 56 4.69 -17.90 17.62
CA HIS A 56 4.79 -17.74 19.07
C HIS A 56 6.00 -18.44 19.66
N ARG A 57 6.25 -19.70 19.29
CA ARG A 57 7.40 -20.44 19.82
CA ARG A 57 7.39 -20.41 19.85
C ARG A 57 8.68 -20.16 19.07
N LYS A 58 8.67 -20.35 17.75
CA LYS A 58 9.91 -20.27 16.96
C LYS A 58 10.28 -18.84 16.52
N LYS A 59 9.40 -17.88 16.80
CA LYS A 59 9.64 -16.44 16.57
C LYS A 59 9.80 -16.03 15.12
N GLY A 60 9.19 -16.81 14.22
CA GLY A 60 9.00 -16.37 12.86
C GLY A 60 7.89 -15.34 12.82
N LYS A 61 7.52 -14.93 11.62
CA LYS A 61 6.37 -14.10 11.42
C LYS A 61 5.38 -14.72 10.42
N LEU A 62 4.13 -14.29 10.51
CA LEU A 62 3.09 -14.78 9.62
C LEU A 62 3.01 -13.88 8.40
N VAL A 63 3.34 -14.43 7.23
CA VAL A 63 3.31 -13.68 6.00
C VAL A 63 2.00 -13.98 5.27
N THR A 64 1.16 -12.96 5.09
CA THR A 64 -0.15 -13.15 4.44
C THR A 64 -0.09 -12.66 3.00
N SER A 65 -0.96 -13.19 2.15
CA SER A 65 -0.97 -12.80 0.75
C SER A 65 -2.30 -13.13 0.10
N GLY A 66 -2.57 -12.37 -0.96
CA GLY A 66 -3.76 -12.49 -1.80
C GLY A 66 -3.74 -11.43 -2.90
N MSE A 67 -4.67 -11.53 -3.84
CA MSE A 67 -4.90 -10.52 -4.91
C MSE A 67 -6.27 -9.95 -4.78
O MSE A 67 -7.19 -10.61 -4.29
CB MSE A 67 -4.79 -11.13 -6.31
CG MSE A 67 -3.42 -11.63 -6.65
SE MSE A 67 -2.13 -10.19 -6.80
CE MSE A 67 -3.16 -9.14 -8.06
N GLY A 68 -6.40 -8.71 -5.19
CA GLY A 68 -7.72 -8.08 -5.26
C GLY A 68 -8.30 -7.88 -3.88
N LYS A 69 -9.63 -7.95 -3.80
CA LYS A 69 -10.31 -7.78 -2.52
C LYS A 69 -9.91 -8.84 -1.50
N ALA A 70 -9.66 -10.07 -1.95
CA ALA A 70 -9.15 -11.12 -1.06
C ALA A 70 -7.81 -10.72 -0.46
N GLY A 71 -6.96 -10.10 -1.26
CA GLY A 71 -5.68 -9.64 -0.73
C GLY A 71 -5.85 -8.57 0.33
N GLN A 72 -6.87 -7.73 0.17
CA GLN A 72 -7.14 -6.73 1.18
C GLN A 72 -7.66 -7.33 2.48
N ILE A 73 -8.35 -8.46 2.38
CA ILE A 73 -8.65 -9.22 3.57
C ILE A 73 -7.34 -9.74 4.18
N ALA A 74 -6.42 -10.28 3.35
CA ALA A 74 -5.11 -10.75 3.84
C ALA A 74 -4.35 -9.63 4.57
N MSE A 75 -4.45 -8.39 4.07
CA MSE A 75 -3.88 -7.22 4.75
C MSE A 75 -4.45 -7.04 6.15
O MSE A 75 -3.73 -6.82 7.13
CB MSE A 75 -4.14 -5.95 3.93
CG MSE A 75 -3.33 -5.94 2.66
SE MSE A 75 -3.80 -4.35 1.67
CE MSE A 75 -3.20 -5.02 -0.01
N ASN A 76 -5.77 -7.17 6.25
CA ASN A 76 -6.43 -6.91 7.50
C ASN A 76 -6.13 -7.98 8.53
N ILE A 77 -5.90 -9.20 8.06
CA ILE A 77 -5.52 -10.30 8.94
C ILE A 77 -4.13 -10.08 9.51
N ALA A 78 -3.17 -9.67 8.69
CA ALA A 78 -1.84 -9.36 9.19
C ALA A 78 -1.89 -8.31 10.30
N THR A 79 -2.64 -7.24 10.08
CA THR A 79 -2.77 -6.19 11.09
C THR A 79 -3.39 -6.73 12.38
N THR A 80 -4.38 -7.59 12.24
CA THR A 80 -5.07 -8.13 13.40
C THR A 80 -4.13 -9.01 14.21
N PHE A 81 -3.33 -9.82 13.53
CA PHE A 81 -2.31 -10.59 14.20
C PHE A 81 -1.23 -9.75 14.90
N CYS A 82 -0.66 -8.76 14.22
CA CYS A 82 0.25 -7.82 14.88
C CYS A 82 -0.37 -7.24 16.13
N SER A 83 -1.66 -6.87 16.04
CA SER A 83 -2.40 -6.24 17.12
C SER A 83 -2.53 -7.16 18.33
N THR A 84 -2.43 -8.47 18.10
CA THR A 84 -2.66 -9.48 19.16
C THR A 84 -1.41 -10.35 19.44
N GLY A 85 -0.24 -9.80 19.11
CA GLY A 85 1.04 -10.34 19.54
C GLY A 85 1.70 -11.39 18.65
N ILE A 86 1.22 -11.50 17.41
CA ILE A 86 1.70 -12.43 16.40
C ILE A 86 2.24 -11.56 15.27
N PRO A 87 3.57 -11.33 15.25
CA PRO A 87 4.11 -10.52 14.16
C PRO A 87 3.70 -11.05 12.80
N SER A 88 3.18 -10.16 11.97
CA SER A 88 2.60 -10.57 10.70
C SER A 88 2.71 -9.44 9.69
N VAL A 89 2.98 -9.80 8.44
CA VAL A 89 3.08 -8.82 7.38
C VAL A 89 2.44 -9.34 6.09
N PHE A 90 1.86 -8.42 5.34
CA PHE A 90 1.32 -8.73 4.00
C PHE A 90 2.42 -8.65 2.99
N LEU A 91 2.58 -9.73 2.22
CA LEU A 91 3.52 -9.75 1.11
C LEU A 91 2.72 -9.77 -0.19
N HIS A 92 2.85 -8.75 -1.02
CA HIS A 92 2.09 -8.74 -2.27
C HIS A 92 2.63 -9.81 -3.20
N PRO A 93 1.76 -10.69 -3.70
CA PRO A 93 2.32 -11.85 -4.42
C PRO A 93 2.92 -11.54 -5.79
N SER A 94 2.53 -10.44 -6.43
CA SER A 94 3.18 -9.98 -7.65
CA SER A 94 3.20 -10.01 -7.66
C SER A 94 4.50 -9.33 -7.29
N GLU A 95 4.46 -8.45 -6.28
CA GLU A 95 5.66 -7.74 -5.86
C GLU A 95 6.77 -8.67 -5.38
N ALA A 96 6.39 -9.81 -4.80
CA ALA A 96 7.34 -10.75 -4.27
C ALA A 96 8.31 -11.16 -5.34
N GLN A 97 7.82 -11.18 -6.58
CA GLN A 97 8.59 -11.66 -7.72
C GLN A 97 9.56 -10.62 -8.25
N HIS A 98 9.59 -9.44 -7.61
CA HIS A 98 10.48 -8.36 -8.00
C HIS A 98 11.43 -7.99 -6.87
N GLY A 99 11.57 -8.89 -5.90
CA GLY A 99 12.51 -8.72 -4.80
C GLY A 99 11.92 -8.83 -3.40
N ASP A 100 10.65 -8.50 -3.23
CA ASP A 100 10.02 -8.50 -1.92
C ASP A 100 9.94 -9.90 -1.32
N LEU A 101 10.14 -10.95 -2.13
CA LEU A 101 10.30 -12.29 -1.55
C LEU A 101 11.34 -12.32 -0.45
N GLY A 102 12.38 -11.49 -0.56
CA GLY A 102 13.44 -11.40 0.45
C GLY A 102 12.98 -10.97 1.84
N ILE A 103 11.72 -10.59 1.98
CA ILE A 103 11.14 -10.39 3.30
C ILE A 103 11.18 -11.66 4.15
N LEU A 104 11.18 -12.82 3.50
CA LEU A 104 11.04 -14.11 4.21
C LEU A 104 12.24 -14.43 5.09
N GLN A 105 11.95 -14.92 6.31
CA GLN A 105 12.97 -15.28 7.28
C GLN A 105 12.72 -16.74 7.69
N GLU A 106 13.71 -17.32 8.34
CA GLU A 106 13.61 -18.66 8.81
C GLU A 106 12.44 -18.73 9.79
N ASN A 107 11.71 -19.80 9.73
CA ASN A 107 10.58 -20.01 10.66
C ASN A 107 9.31 -19.27 10.29
N ASP A 108 9.29 -18.48 9.22
CA ASP A 108 8.05 -17.84 8.82
C ASP A 108 7.01 -18.88 8.37
N LEU A 109 5.78 -18.42 8.24
CA LEU A 109 4.64 -19.24 7.89
C LEU A 109 3.79 -18.40 6.95
N LEU A 110 3.33 -19.02 5.86
CA LEU A 110 2.49 -18.32 4.88
CA LEU A 110 2.51 -18.34 4.87
C LEU A 110 1.00 -18.59 5.12
N LEU A 111 0.21 -17.53 5.03
CA LEU A 111 -1.25 -17.61 5.02
C LEU A 111 -1.68 -17.00 3.69
N LEU A 112 -2.15 -17.86 2.78
CA LEU A 112 -2.49 -17.45 1.42
C LEU A 112 -4.00 -17.44 1.22
N ILE A 113 -4.53 -16.38 0.60
CA ILE A 113 -5.98 -16.30 0.32
C ILE A 113 -6.20 -16.30 -1.19
N SER A 114 -6.93 -17.31 -1.66
CA SER A 114 -7.29 -17.42 -3.09
C SER A 114 -8.68 -18.00 -3.16
N ASN A 115 -9.66 -17.22 -3.59
CA ASN A 115 -11.03 -17.76 -3.69
C ASN A 115 -11.11 -18.94 -4.66
N SER A 116 -10.58 -18.73 -5.85
CA SER A 116 -10.54 -19.77 -6.89
C SER A 116 -9.60 -20.95 -6.53
N GLY A 117 -8.61 -20.68 -5.67
CA GLY A 117 -7.58 -21.67 -5.38
C GLY A 117 -6.57 -21.86 -6.48
N LYS A 118 -6.57 -20.97 -7.46
CA LYS A 118 -5.63 -21.04 -8.56
C LYS A 118 -5.18 -19.65 -9.02
N THR A 119 -5.23 -18.68 -8.12
CA THR A 119 -4.82 -17.32 -8.46
C THR A 119 -3.40 -17.32 -8.97
N ARG A 120 -3.19 -16.76 -10.16
CA ARG A 120 -1.88 -16.80 -10.85
C ARG A 120 -0.73 -16.41 -9.93
N GLU A 121 -0.85 -15.26 -9.29
CA GLU A 121 0.27 -14.72 -8.52
C GLU A 121 0.53 -15.53 -7.24
N ILE A 122 -0.50 -16.16 -6.70
CA ILE A 122 -0.37 -16.99 -5.50
C ILE A 122 0.27 -18.35 -5.83
N VAL A 123 -0.09 -18.94 -6.98
CA VAL A 123 0.60 -20.13 -7.47
C VAL A 123 2.09 -19.83 -7.70
N GLU A 124 2.36 -18.71 -8.33
CA GLU A 124 3.72 -18.28 -8.60
C GLU A 124 4.45 -18.03 -7.29
N LEU A 125 3.80 -17.35 -6.36
CA LEU A 125 4.41 -17.09 -5.06
C LEU A 125 4.82 -18.39 -4.37
N THR A 126 3.92 -19.37 -4.35
CA THR A 126 4.21 -20.61 -3.66
C THR A 126 5.42 -21.33 -4.26
N GLN A 127 5.53 -21.35 -5.58
CA GLN A 127 6.67 -21.96 -6.23
C GLN A 127 7.96 -21.21 -5.88
N LEU A 128 7.95 -19.88 -5.94
CA LEU A 128 9.17 -19.12 -5.69
CA LEU A 128 9.15 -19.08 -5.66
C LEU A 128 9.58 -19.25 -4.21
N ALA A 129 8.60 -19.21 -3.33
CA ALA A 129 8.85 -19.32 -1.90
C ALA A 129 9.42 -20.70 -1.57
N HIS A 130 8.89 -21.74 -2.23
CA HIS A 130 9.40 -23.11 -2.03
C HIS A 130 10.84 -23.25 -2.51
N ASN A 131 11.18 -22.62 -3.63
CA ASN A 131 12.57 -22.63 -4.10
C ASN A 131 13.46 -21.93 -3.09
N LEU A 132 13.02 -20.79 -2.54
CA LEU A 132 13.81 -20.06 -1.55
C LEU A 132 14.01 -20.85 -0.25
N ASN A 133 12.92 -21.45 0.25
CA ASN A 133 12.92 -22.13 1.53
C ASN A 133 11.91 -23.27 1.49
N PRO A 134 12.38 -24.46 1.13
CA PRO A 134 11.49 -25.60 0.96
C PRO A 134 10.78 -26.03 2.24
N GLY A 135 11.28 -25.63 3.41
CA GLY A 135 10.60 -25.95 4.67
C GLY A 135 9.40 -25.07 5.04
N LEU A 136 9.21 -23.95 4.32
CA LEU A 136 8.11 -23.04 4.58
CA LEU A 136 8.09 -23.04 4.60
C LEU A 136 6.77 -23.77 4.44
N LYS A 137 5.85 -23.54 5.38
CA LYS A 137 4.53 -24.15 5.32
C LYS A 137 3.50 -23.10 4.91
N PHE A 138 2.35 -23.56 4.45
CA PHE A 138 1.29 -22.62 4.16
C PHE A 138 -0.09 -23.11 4.46
N ILE A 139 -0.87 -22.16 4.92
CA ILE A 139 -2.27 -22.33 5.19
C ILE A 139 -2.95 -21.59 4.05
N VAL A 140 -3.97 -22.20 3.46
CA VAL A 140 -4.71 -21.51 2.39
CA VAL A 140 -4.72 -21.61 2.35
C VAL A 140 -6.17 -21.38 2.74
N ILE A 141 -6.68 -20.18 2.52
CA ILE A 141 -8.12 -19.91 2.68
C ILE A 141 -8.67 -19.80 1.26
N THR A 142 -9.67 -20.63 0.93
CA THR A 142 -10.15 -20.76 -0.44
C THR A 142 -11.60 -21.15 -0.50
N GLY A 143 -12.23 -20.80 -1.62
CA GLY A 143 -13.56 -21.30 -1.87
C GLY A 143 -13.57 -22.66 -2.56
N ASN A 144 -12.40 -23.12 -2.96
CA ASN A 144 -12.29 -24.40 -3.70
C ASN A 144 -11.24 -25.31 -3.09
N PRO A 145 -11.66 -26.11 -2.12
CA PRO A 145 -10.74 -27.04 -1.45
C PRO A 145 -10.19 -28.18 -2.36
N ASP A 146 -10.73 -28.35 -3.55
CA ASP A 146 -10.21 -29.32 -4.51
C ASP A 146 -9.17 -28.73 -5.44
N SER A 147 -8.85 -27.45 -5.27
CA SER A 147 -7.91 -26.78 -6.16
C SER A 147 -6.47 -27.23 -5.93
N PRO A 148 -5.56 -26.89 -6.87
CA PRO A 148 -4.12 -27.12 -6.70
C PRO A 148 -3.56 -26.52 -5.41
N LEU A 149 -3.77 -25.24 -5.19
CA LEU A 149 -3.27 -24.59 -3.98
C LEU A 149 -3.76 -25.32 -2.74
N ALA A 150 -5.05 -25.63 -2.69
CA ALA A 150 -5.64 -26.33 -1.57
C ALA A 150 -4.95 -27.66 -1.37
N SER A 151 -4.73 -28.39 -2.47
CA SER A 151 -4.16 -29.73 -2.41
CA SER A 151 -4.16 -29.74 -2.39
C SER A 151 -2.73 -29.71 -1.89
N GLU A 152 -1.94 -28.70 -2.29
CA GLU A 152 -0.55 -28.55 -1.89
CA GLU A 152 -0.55 -28.65 -1.84
C GLU A 152 -0.37 -27.96 -0.49
N SER A 153 -1.42 -27.33 0.05
CA SER A 153 -1.30 -26.63 1.32
C SER A 153 -1.03 -27.58 2.47
N ASP A 154 -0.40 -27.05 3.51
CA ASP A 154 -0.31 -27.78 4.76
C ASP A 154 -1.63 -27.85 5.49
N VAL A 155 -2.42 -26.77 5.41
CA VAL A 155 -3.77 -26.71 5.98
C VAL A 155 -4.66 -25.89 5.04
N CYS A 156 -5.88 -26.39 4.82
CA CYS A 156 -6.81 -25.73 3.93
C CYS A 156 -8.05 -25.39 4.71
N LEU A 157 -8.39 -24.10 4.72
CA LEU A 157 -9.61 -23.58 5.34
C LEU A 157 -10.58 -23.14 4.24
N SER A 158 -11.75 -23.79 4.20
CA SER A 158 -12.73 -23.51 3.16
C SER A 158 -13.67 -22.40 3.57
N THR A 159 -14.02 -21.55 2.63
CA THR A 159 -15.04 -20.54 2.88
C THR A 159 -16.44 -21.13 2.84
N GLY A 160 -16.60 -22.33 2.33
CA GLY A 160 -17.94 -22.90 2.08
C GLY A 160 -18.58 -22.41 0.78
N HIS A 161 -17.78 -21.67 0.00
CA HIS A 161 -18.17 -20.99 -1.24
C HIS A 161 -19.62 -20.54 -1.36
N PRO A 162 -19.99 -19.59 -0.53
CA PRO A 162 -21.31 -19.00 -0.57
C PRO A 162 -21.54 -18.23 -1.88
N ALA A 163 -22.80 -18.11 -2.28
CA ALA A 163 -23.19 -17.28 -3.41
C ALA A 163 -22.90 -15.81 -3.06
N GLU A 164 -22.37 -15.06 -4.02
CA GLU A 164 -22.16 -13.63 -3.83
C GLU A 164 -23.51 -12.93 -3.84
N VAL A 165 -23.61 -11.82 -3.12
CA VAL A 165 -24.84 -11.00 -3.12
C VAL A 165 -24.85 -9.92 -4.22
N CYS A 166 -23.73 -9.80 -4.94
CA CYS A 166 -23.65 -9.05 -6.19
C CYS A 166 -24.86 -9.33 -7.10
N THR A 167 -25.40 -8.30 -7.76
CA THR A 167 -26.53 -8.47 -8.68
C THR A 167 -26.19 -9.36 -9.86
N LEU A 168 -24.90 -9.43 -10.20
CA LEU A 168 -24.41 -10.27 -11.28
C LEU A 168 -23.87 -11.59 -10.74
N GLY A 169 -23.91 -11.79 -9.43
CA GLY A 169 -23.30 -12.98 -8.83
C GLY A 169 -21.76 -13.09 -8.89
N MSE A 170 -21.08 -11.99 -9.17
CA MSE A 170 -19.65 -11.96 -9.49
CA MSE A 170 -19.64 -11.98 -9.49
C MSE A 170 -18.76 -11.32 -8.43
O MSE A 170 -17.68 -11.81 -8.13
CB MSE A 170 -19.45 -11.17 -10.78
CB MSE A 170 -19.38 -11.21 -10.80
CG MSE A 170 -20.12 -11.80 -12.00
CG MSE A 170 -20.16 -11.73 -12.03
SE MSE A 170 -19.12 -13.38 -12.51
SE MSE A 170 -19.74 -13.59 -12.47
CE MSE A 170 -17.78 -12.43 -13.53
CE MSE A 170 -21.54 -14.25 -12.52
N THR A 171 -19.20 -10.16 -7.92
CA THR A 171 -18.37 -9.33 -7.04
C THR A 171 -18.16 -9.98 -5.67
N PRO A 172 -16.92 -10.01 -5.21
CA PRO A 172 -16.63 -10.61 -3.90
C PRO A 172 -17.26 -9.79 -2.77
N THR A 173 -18.14 -10.46 -2.03
CA THR A 173 -19.00 -9.82 -1.08
C THR A 173 -19.13 -10.83 0.05
N THR A 174 -20.08 -11.77 -0.05
CA THR A 174 -20.16 -12.83 0.94
CA THR A 174 -20.19 -12.88 0.87
C THR A 174 -18.84 -13.62 1.06
N SER A 175 -18.13 -13.81 -0.05
CA SER A 175 -16.85 -14.53 -0.01
C SER A 175 -15.81 -13.80 0.86
N THR A 176 -15.68 -12.47 0.66
CA THR A 176 -14.76 -11.67 1.47
C THR A 176 -15.22 -11.46 2.93
N THR A 177 -16.53 -11.44 3.17
CA THR A 177 -17.06 -11.39 4.54
C THR A 177 -16.70 -12.67 5.30
N VAL A 178 -16.94 -13.81 4.67
CA VAL A 178 -16.45 -15.09 5.20
C VAL A 178 -14.93 -15.11 5.44
N MSE A 179 -14.16 -14.60 4.51
CA MSE A 179 -12.74 -14.55 4.65
C MSE A 179 -12.34 -13.74 5.87
O MSE A 179 -11.40 -14.13 6.59
CB MSE A 179 -12.06 -13.99 3.37
CG MSE A 179 -12.00 -15.03 2.27
SE MSE A 179 -11.65 -14.09 0.64
CE MSE A 179 -11.64 -15.63 -0.44
N THR A 180 -12.99 -12.61 6.10
CA THR A 180 -12.59 -11.75 7.24
C THR A 180 -12.94 -12.46 8.57
N VAL A 181 -14.03 -13.20 8.57
CA VAL A 181 -14.44 -13.97 9.74
C VAL A 181 -13.46 -15.12 10.00
N ILE A 182 -13.03 -15.81 8.96
CA ILE A 182 -12.00 -16.83 9.14
C ILE A 182 -10.73 -16.23 9.77
N GLY A 183 -10.33 -15.07 9.28
CA GLY A 183 -9.28 -14.27 9.92
C GLY A 183 -9.51 -14.03 11.41
N ASP A 184 -10.71 -13.57 11.76
CA ASP A 184 -11.04 -13.30 13.15
C ASP A 184 -10.89 -14.59 13.97
N ILE A 185 -11.36 -15.70 13.42
CA ILE A 185 -11.34 -16.98 14.12
C ILE A 185 -9.90 -17.37 14.46
N LEU A 186 -9.04 -17.36 13.45
CA LEU A 186 -7.64 -17.67 13.61
C LEU A 186 -6.98 -16.79 14.69
N VAL A 187 -7.28 -15.49 14.68
CA VAL A 187 -6.72 -14.56 15.66
C VAL A 187 -7.21 -14.87 17.06
N VAL A 188 -8.51 -15.06 17.20
CA VAL A 188 -9.09 -15.31 18.51
C VAL A 188 -8.59 -16.63 19.13
N GLN A 189 -8.57 -17.70 18.33
CA GLN A 189 -8.15 -19.01 18.82
C GLN A 189 -6.66 -18.99 19.16
N THR A 190 -5.89 -18.27 18.36
CA THR A 190 -4.46 -18.10 18.64
C THR A 190 -4.21 -17.32 19.94
N MSE A 191 -4.93 -16.21 20.14
CA MSE A 191 -4.70 -15.37 21.32
C MSE A 191 -5.15 -16.08 22.62
O MSE A 191 -4.64 -15.78 23.69
CB MSE A 191 -5.33 -13.97 21.13
CG MSE A 191 -6.84 -13.94 21.29
SE MSE A 191 -7.54 -12.26 20.74
CE MSE A 191 -6.69 -11.09 22.05
N LYS A 192 -6.09 -17.01 22.50
CA LYS A 192 -6.43 -17.91 23.60
C LYS A 192 -5.24 -18.76 23.99
N ARG A 193 -4.65 -19.39 22.98
CA ARG A 193 -3.51 -20.28 23.17
CA ARG A 193 -3.53 -20.28 23.20
C ARG A 193 -2.29 -19.54 23.69
N THR A 194 -2.01 -18.35 23.15
CA THR A 194 -0.82 -17.60 23.56
C THR A 194 -1.06 -16.80 24.84
N GLU A 195 -2.33 -16.76 25.29
CA GLU A 195 -2.70 -16.05 26.53
C GLU A 195 -2.32 -14.57 26.49
N PHE A 196 -2.55 -13.97 25.33
CA PHE A 196 -2.26 -12.57 25.11
C PHE A 196 -3.00 -11.71 26.13
N THR A 197 -2.29 -10.74 26.69
CA THR A 197 -2.82 -9.90 27.76
C THR A 197 -3.18 -8.50 27.30
N ILE A 198 -4.02 -7.85 28.10
CA ILE A 198 -4.34 -6.45 27.88
C ILE A 198 -3.09 -5.56 27.92
N GLU A 199 -2.14 -5.86 28.80
CA GLU A 199 -0.89 -5.11 28.86
C GLU A 199 -0.14 -5.14 27.52
N GLU A 200 -0.05 -6.32 26.93
CA GLU A 200 0.60 -6.47 25.64
C GLU A 200 -0.22 -5.87 24.48
N TYR A 201 -1.55 -5.91 24.59
CA TYR A 201 -2.40 -5.16 23.65
C TYR A 201 -2.06 -3.68 23.74
N SER A 202 -2.02 -3.16 24.95
CA SER A 202 -1.84 -1.72 25.13
CA SER A 202 -1.81 -1.72 25.17
C SER A 202 -0.50 -1.23 24.56
N LYS A 203 0.54 -2.07 24.65
CA LYS A 203 1.87 -1.71 24.12
C LYS A 203 1.94 -1.63 22.60
N ARG A 204 0.91 -2.13 21.91
CA ARG A 204 0.89 -2.15 20.46
C ARG A 204 -0.09 -1.12 19.86
N HIS A 205 -0.58 -0.21 20.68
CA HIS A 205 -1.60 0.76 20.29
C HIS A 205 -1.38 2.08 20.98
N HIS A 206 -1.89 3.16 20.40
CA HIS A 206 -1.85 4.44 21.09
C HIS A 206 -2.69 4.46 22.38
N GLY A 207 -2.42 5.43 23.24
CA GLY A 207 -3.04 5.49 24.55
C GLY A 207 -4.56 5.52 24.59
N GLY A 208 -5.19 5.98 23.52
CA GLY A 208 -6.66 6.04 23.46
C GLY A 208 -7.30 4.67 23.54
N TYR A 209 -6.58 3.65 23.08
CA TYR A 209 -7.05 2.26 23.15
C TYR A 209 -7.14 1.71 24.58
N LEU A 210 -6.60 2.42 25.58
CA LEU A 210 -6.72 1.98 26.98
C LEU A 210 -7.81 2.73 27.70
N LEU B 15 -13.63 -27.50 35.27
CA LEU B 15 -14.33 -28.78 34.97
C LEU B 15 -15.03 -28.75 33.59
N TYR B 16 -14.92 -27.62 32.87
CA TYR B 16 -15.74 -27.38 31.69
C TYR B 16 -14.92 -27.16 30.41
N PHE B 17 -14.17 -28.19 30.00
CA PHE B 17 -13.43 -28.15 28.73
C PHE B 17 -14.37 -27.86 27.56
N GLN B 18 -13.93 -27.02 26.64
CA GLN B 18 -14.66 -26.78 25.41
C GLN B 18 -13.74 -27.01 24.23
N GLY B 19 -14.12 -27.91 23.34
CA GLY B 19 -13.30 -28.24 22.16
C GLY B 19 -13.17 -27.04 21.23
N MSE B 20 -12.12 -27.01 20.41
CA MSE B 20 -11.95 -25.88 19.52
C MSE B 20 -13.10 -25.77 18.52
O MSE B 20 -13.49 -24.67 18.16
CB MSE B 20 -10.60 -25.89 18.78
CG MSE B 20 -10.45 -24.52 18.04
SE MSE B 20 -8.70 -24.20 17.35
CE MSE B 20 -7.69 -24.16 18.97
N ILE B 21 -13.66 -26.89 18.08
CA ILE B 21 -14.72 -26.84 17.07
C ILE B 21 -15.94 -26.12 17.62
N GLU B 22 -16.29 -26.44 18.85
CA GLU B 22 -17.46 -25.85 19.47
C GLU B 22 -17.22 -24.38 19.75
N SER B 23 -16.00 -24.05 20.15
CA SER B 23 -15.63 -22.66 20.39
C SER B 23 -15.76 -21.84 19.08
N ILE B 24 -15.32 -22.40 17.97
CA ILE B 24 -15.42 -21.73 16.70
C ILE B 24 -16.87 -21.61 16.23
N GLN B 25 -17.69 -22.63 16.49
CA GLN B 25 -19.09 -22.54 16.11
C GLN B 25 -19.78 -21.40 16.84
N GLU B 26 -19.43 -21.19 18.10
CA GLU B 26 -19.96 -20.07 18.85
C GLU B 26 -19.48 -18.72 18.26
N LEU B 27 -18.24 -18.65 17.84
CA LEU B 27 -17.73 -17.44 17.18
C LEU B 27 -18.56 -17.15 15.94
N LEU B 28 -18.83 -18.19 15.15
CA LEU B 28 -19.68 -18.03 13.96
C LEU B 28 -21.06 -17.47 14.28
N GLN B 29 -21.68 -18.00 15.33
CA GLN B 29 -22.98 -17.49 15.75
CA GLN B 29 -22.96 -17.51 15.84
C GLN B 29 -22.88 -16.03 16.17
N LYS B 30 -21.85 -15.65 16.91
CA LYS B 30 -21.67 -14.25 17.33
CA LYS B 30 -21.69 -14.26 17.33
C LYS B 30 -21.46 -13.34 16.13
N GLU B 31 -20.59 -13.74 15.20
CA GLU B 31 -20.33 -12.90 14.00
C GLU B 31 -21.60 -12.77 13.12
N ALA B 32 -22.27 -13.89 12.90
CA ALA B 32 -23.50 -13.93 12.10
C ALA B 32 -24.58 -13.06 12.74
N GLN B 33 -24.68 -13.16 14.07
CA GLN B 33 -25.64 -12.35 14.79
C GLN B 33 -25.35 -10.87 14.66
N ALA B 34 -24.07 -10.49 14.72
CA ALA B 34 -23.69 -9.07 14.56
C ALA B 34 -24.16 -8.53 13.21
N VAL B 35 -24.03 -9.35 12.18
CA VAL B 35 -24.44 -8.99 10.85
C VAL B 35 -25.97 -8.83 10.79
N LEU B 36 -26.70 -9.74 11.43
CA LEU B 36 -28.15 -9.67 11.42
C LEU B 36 -28.63 -8.44 12.15
N ASN B 37 -27.83 -7.97 13.11
CA ASN B 37 -28.20 -6.82 13.93
C ASN B 37 -27.86 -5.45 13.34
N ILE B 38 -27.25 -5.41 12.15
CA ILE B 38 -26.85 -4.12 11.51
C ILE B 38 -28.12 -3.26 11.35
N PRO B 39 -28.12 -2.04 11.92
CA PRO B 39 -29.32 -1.22 11.78
C PRO B 39 -29.61 -0.87 10.31
N VAL B 40 -30.86 -1.03 9.90
CA VAL B 40 -31.28 -0.72 8.54
C VAL B 40 -32.37 0.33 8.56
N THR B 41 -31.98 1.53 8.14
CA THR B 41 -32.82 2.70 8.10
C THR B 41 -32.71 3.36 6.73
N ASP B 42 -33.44 4.44 6.56
CA ASP B 42 -33.40 5.17 5.30
C ASP B 42 -32.02 5.84 5.05
N ALA B 43 -31.14 5.84 6.06
CA ALA B 43 -29.75 6.27 5.85
C ALA B 43 -29.10 5.58 4.65
N TYR B 44 -29.40 4.30 4.43
CA TYR B 44 -28.81 3.58 3.31
C TYR B 44 -29.29 4.20 2.00
N GLU B 45 -30.58 4.44 1.89
CA GLU B 45 -31.06 5.08 0.67
C GLU B 45 -30.40 6.44 0.41
N LYS B 46 -30.23 7.23 1.46
CA LYS B 46 -29.57 8.52 1.34
C LYS B 46 -28.12 8.39 0.90
N ALA B 47 -27.40 7.41 1.46
CA ALA B 47 -25.98 7.19 1.10
C ALA B 47 -25.89 6.75 -0.35
N VAL B 48 -26.76 5.84 -0.74
CA VAL B 48 -26.71 5.31 -2.12
C VAL B 48 -27.06 6.40 -3.11
N GLU B 49 -28.03 7.23 -2.79
CA GLU B 49 -28.38 8.39 -3.61
C GLU B 49 -27.19 9.36 -3.80
N LEU B 50 -26.44 9.60 -2.73
CA LEU B 50 -25.26 10.45 -2.82
C LEU B 50 -24.20 9.87 -3.73
N ILE B 51 -23.97 8.56 -3.59
CA ILE B 51 -22.98 7.86 -4.41
C ILE B 51 -23.39 7.95 -5.90
N VAL B 52 -24.67 7.65 -6.17
CA VAL B 52 -25.18 7.67 -7.54
C VAL B 52 -25.11 9.09 -8.11
N GLU B 53 -25.55 10.07 -7.33
CA GLU B 53 -25.51 11.47 -7.76
C GLU B 53 -24.07 11.94 -8.01
N GLN B 54 -23.18 11.74 -7.04
CA GLN B 54 -21.87 12.34 -7.13
C GLN B 54 -20.96 11.61 -8.10
N ILE B 55 -20.98 10.27 -8.08
CA ILE B 55 -20.10 9.51 -8.97
C ILE B 55 -20.78 9.15 -10.29
N HIS B 56 -21.92 8.49 -10.24
CA HIS B 56 -22.52 7.99 -11.46
C HIS B 56 -23.04 9.13 -12.37
N ARG B 57 -23.64 10.14 -11.77
CA ARG B 57 -24.19 11.22 -12.58
C ARG B 57 -23.22 12.35 -12.79
N LYS B 58 -22.65 12.90 -11.72
CA LYS B 58 -21.71 14.02 -11.84
C LYS B 58 -20.27 13.65 -12.20
N LYS B 59 -19.95 12.36 -12.17
CA LYS B 59 -18.65 11.86 -12.63
C LYS B 59 -17.47 12.24 -11.72
N GLY B 60 -17.78 12.48 -10.46
CA GLY B 60 -16.77 12.47 -9.41
C GLY B 60 -16.35 11.05 -9.09
N LYS B 61 -15.51 10.92 -8.06
CA LYS B 61 -15.12 9.60 -7.58
C LYS B 61 -15.33 9.50 -6.08
N LEU B 62 -15.43 8.25 -5.61
CA LEU B 62 -15.68 8.00 -4.21
C LEU B 62 -14.34 7.84 -3.50
N VAL B 63 -14.05 8.71 -2.54
CA VAL B 63 -12.78 8.66 -1.83
C VAL B 63 -13.01 8.06 -0.45
N THR B 64 -12.43 6.89 -0.17
CA THR B 64 -12.62 6.23 1.10
C THR B 64 -11.42 6.44 2.02
N SER B 65 -11.64 6.31 3.33
CA SER B 65 -10.59 6.54 4.29
C SER B 65 -10.91 5.88 5.63
N GLY B 66 -9.87 5.55 6.36
CA GLY B 66 -9.94 5.00 7.73
C GLY B 66 -8.53 4.72 8.20
N MSE B 67 -8.39 4.34 9.47
CA MSE B 67 -7.10 3.98 10.05
C MSE B 67 -7.19 2.56 10.54
O MSE B 67 -8.27 2.07 10.83
CB MSE B 67 -6.80 4.87 11.24
CG MSE B 67 -6.60 6.33 10.84
SE MSE B 67 -4.89 6.48 9.90
CE MSE B 67 -3.61 5.49 11.05
N GLY B 68 -6.03 1.90 10.59
CA GLY B 68 -5.95 0.55 11.14
C GLY B 68 -6.81 -0.43 10.32
N LYS B 69 -7.33 -1.46 11.00
CA LYS B 69 -8.12 -2.47 10.35
C LYS B 69 -9.36 -1.86 9.67
N ALA B 70 -9.97 -0.86 10.29
CA ALA B 70 -11.09 -0.14 9.66
C ALA B 70 -10.68 0.51 8.33
N GLY B 71 -9.47 1.08 8.29
CA GLY B 71 -8.93 1.58 7.04
C GLY B 71 -8.77 0.51 5.98
N GLN B 72 -8.42 -0.69 6.41
CA GLN B 72 -8.26 -1.78 5.43
C GLN B 72 -9.60 -2.22 4.84
N ILE B 73 -10.66 -2.13 5.63
CA ILE B 73 -12.00 -2.28 5.12
C ILE B 73 -12.33 -1.16 4.13
N ALA B 74 -11.96 0.08 4.46
CA ALA B 74 -12.16 1.22 3.51
C ALA B 74 -11.45 0.96 2.19
N MSE B 75 -10.24 0.39 2.24
CA MSE B 75 -9.49 -0.02 1.03
C MSE B 75 -10.31 -1.02 0.22
O MSE B 75 -10.41 -0.88 -1.01
CB MSE B 75 -8.14 -0.64 1.37
CG MSE B 75 -7.18 0.30 1.99
SE MSE B 75 -5.62 -0.67 2.52
CE MSE B 75 -5.07 0.41 4.05
N ASN B 76 -10.89 -2.01 0.91
CA ASN B 76 -11.65 -3.06 0.25
C ASN B 76 -12.95 -2.51 -0.37
N ILE B 77 -13.51 -1.48 0.25
CA ILE B 77 -14.72 -0.87 -0.28
C ILE B 77 -14.40 -0.09 -1.54
N ALA B 78 -13.24 0.60 -1.58
CA ALA B 78 -12.88 1.36 -2.74
C ALA B 78 -12.72 0.39 -3.92
N THR B 79 -12.02 -0.71 -3.69
CA THR B 79 -11.83 -1.71 -4.73
C THR B 79 -13.14 -2.30 -5.25
N THR B 80 -14.05 -2.62 -4.34
CA THR B 80 -15.33 -3.18 -4.75
C THR B 80 -16.16 -2.21 -5.57
N PHE B 81 -16.13 -0.93 -5.21
CA PHE B 81 -16.78 0.06 -6.05
C PHE B 81 -16.14 0.20 -7.43
N CYS B 82 -14.81 0.21 -7.52
CA CYS B 82 -14.14 0.25 -8.82
C CYS B 82 -14.61 -0.95 -9.64
N SER B 83 -14.70 -2.09 -8.99
CA SER B 83 -15.05 -3.36 -9.64
C SER B 83 -16.49 -3.40 -10.18
N THR B 84 -17.32 -2.46 -9.72
CA THR B 84 -18.77 -2.38 -10.02
C THR B 84 -19.15 -1.02 -10.66
N GLY B 85 -18.15 -0.32 -11.20
CA GLY B 85 -18.38 0.80 -12.10
C GLY B 85 -18.54 2.14 -11.42
N ILE B 86 -18.10 2.21 -10.15
CA ILE B 86 -18.07 3.46 -9.35
C ILE B 86 -16.60 3.76 -9.05
N PRO B 87 -15.96 4.64 -9.87
CA PRO B 87 -14.57 4.97 -9.59
C PRO B 87 -14.35 5.38 -8.14
N SER B 88 -13.34 4.79 -7.52
CA SER B 88 -13.17 4.94 -6.09
C SER B 88 -11.71 4.72 -5.74
N VAL B 89 -11.22 5.50 -4.79
CA VAL B 89 -9.85 5.39 -4.36
C VAL B 89 -9.79 5.56 -2.84
N PHE B 90 -8.85 4.87 -2.22
CA PHE B 90 -8.59 5.06 -0.78
C PHE B 90 -7.58 6.18 -0.61
N LEU B 91 -7.89 7.15 0.25
CA LEU B 91 -6.99 8.23 0.58
C LEU B 91 -6.57 8.02 2.01
N HIS B 92 -5.28 7.77 2.26
CA HIS B 92 -4.85 7.51 3.63
C HIS B 92 -4.96 8.81 4.38
N PRO B 93 -5.61 8.81 5.56
CA PRO B 93 -5.92 10.11 6.15
C PRO B 93 -4.73 10.88 6.73
N SER B 94 -3.65 10.17 7.12
CA SER B 94 -2.40 10.79 7.57
CA SER B 94 -2.45 10.87 7.57
C SER B 94 -1.66 11.31 6.35
N GLU B 95 -1.58 10.46 5.31
CA GLU B 95 -0.86 10.80 4.10
C GLU B 95 -1.51 12.00 3.40
N ALA B 96 -2.83 12.15 3.53
CA ALA B 96 -3.55 13.33 3.00
C ALA B 96 -2.88 14.66 3.38
N GLN B 97 -2.38 14.71 4.61
CA GLN B 97 -1.78 15.88 5.18
C GLN B 97 -0.38 16.21 4.62
N HIS B 98 0.18 15.34 3.79
CA HIS B 98 1.52 15.53 3.23
C HIS B 98 1.50 15.68 1.71
N GLY B 99 0.31 15.97 1.17
CA GLY B 99 0.14 16.27 -0.25
C GLY B 99 -0.94 15.47 -0.93
N ASP B 100 -1.21 14.26 -0.42
CA ASP B 100 -2.17 13.36 -1.08
C ASP B 100 -3.60 13.91 -1.08
N LEU B 101 -3.90 14.90 -0.22
CA LEU B 101 -5.20 15.57 -0.30
C LEU B 101 -5.50 16.07 -1.71
N GLY B 102 -4.46 16.42 -2.48
CA GLY B 102 -4.65 16.90 -3.85
C GLY B 102 -5.19 15.88 -4.86
N ILE B 103 -5.42 14.65 -4.39
CA ILE B 103 -6.16 13.67 -5.19
CA ILE B 103 -6.17 13.67 -5.19
C ILE B 103 -7.61 14.15 -5.41
N LEU B 104 -8.11 15.00 -4.50
CA LEU B 104 -9.50 15.41 -4.55
C LEU B 104 -9.85 16.24 -5.79
N GLN B 105 -10.97 15.90 -6.41
CA GLN B 105 -11.49 16.61 -7.59
C GLN B 105 -12.88 17.11 -7.30
N GLU B 106 -13.36 17.98 -8.16
CA GLU B 106 -14.70 18.47 -8.09
C GLU B 106 -15.66 17.28 -8.17
N ASN B 107 -16.71 17.37 -7.38
CA ASN B 107 -17.82 16.41 -7.33
C ASN B 107 -17.50 15.10 -6.62
N ASP B 108 -16.31 14.99 -6.05
CA ASP B 108 -15.96 13.79 -5.29
C ASP B 108 -16.83 13.72 -4.04
N LEU B 109 -16.88 12.52 -3.46
CA LEU B 109 -17.64 12.19 -2.28
C LEU B 109 -16.76 11.36 -1.37
N LEU B 110 -16.77 11.68 -0.08
CA LEU B 110 -15.99 10.95 0.91
C LEU B 110 -16.82 9.88 1.64
N LEU B 111 -16.21 8.72 1.85
CA LEU B 111 -16.76 7.66 2.69
C LEU B 111 -15.71 7.36 3.74
N LEU B 112 -16.00 7.71 4.99
CA LEU B 112 -15.06 7.62 6.08
C LEU B 112 -15.48 6.51 7.03
N ILE B 113 -14.51 5.73 7.49
CA ILE B 113 -14.77 4.68 8.45
C ILE B 113 -14.01 4.95 9.75
N SER B 114 -14.76 5.04 10.83
CA SER B 114 -14.24 5.35 12.17
C SER B 114 -15.13 4.67 13.18
N ASN B 115 -14.63 3.61 13.79
CA ASN B 115 -15.42 2.90 14.80
C ASN B 115 -15.83 3.82 15.95
N SER B 116 -14.82 4.47 16.52
CA SER B 116 -15.00 5.44 17.61
C SER B 116 -15.78 6.68 17.20
N GLY B 117 -15.70 7.04 15.93
CA GLY B 117 -16.28 8.32 15.47
C GLY B 117 -15.44 9.55 15.83
N LYS B 118 -14.23 9.34 16.31
CA LYS B 118 -13.35 10.45 16.70
C LYS B 118 -11.88 10.15 16.39
N THR B 119 -11.65 9.30 15.40
CA THR B 119 -10.28 8.92 15.00
C THR B 119 -9.52 10.18 14.62
N ARG B 120 -8.35 10.39 15.25
CA ARG B 120 -7.62 11.64 15.10
C ARG B 120 -7.40 12.02 13.64
N GLU B 121 -6.89 11.08 12.85
CA GLU B 121 -6.56 11.38 11.46
C GLU B 121 -7.78 11.64 10.61
N ILE B 122 -8.91 11.04 10.97
CA ILE B 122 -10.11 11.24 10.19
C ILE B 122 -10.76 12.61 10.50
N VAL B 123 -10.73 13.01 11.75
CA VAL B 123 -11.17 14.34 12.16
C VAL B 123 -10.28 15.38 11.45
N GLU B 124 -8.98 15.16 11.48
CA GLU B 124 -8.06 16.05 10.78
C GLU B 124 -8.29 16.09 9.27
N LEU B 125 -8.58 14.94 8.67
CA LEU B 125 -8.85 14.88 7.24
C LEU B 125 -10.10 15.67 6.88
N THR B 126 -11.17 15.51 7.66
CA THR B 126 -12.40 16.24 7.36
C THR B 126 -12.18 17.77 7.40
N GLN B 127 -11.44 18.25 8.38
CA GLN B 127 -11.16 19.69 8.45
CA GLN B 127 -11.12 19.67 8.48
C GLN B 127 -10.36 20.16 7.24
N LEU B 128 -9.34 19.40 6.85
CA LEU B 128 -8.49 19.81 5.75
CA LEU B 128 -8.49 19.77 5.72
C LEU B 128 -9.26 19.72 4.43
N ALA B 129 -10.07 18.67 4.27
CA ALA B 129 -10.84 18.48 3.04
C ALA B 129 -11.85 19.61 2.89
N HIS B 130 -12.45 20.01 4.00
CA HIS B 130 -13.47 21.07 4.00
C HIS B 130 -12.83 22.42 3.64
N ASN B 131 -11.61 22.66 4.11
CA ASN B 131 -10.87 23.88 3.73
C ASN B 131 -10.55 23.93 2.25
N LEU B 132 -10.25 22.77 1.67
CA LEU B 132 -9.97 22.67 0.26
C LEU B 132 -11.24 22.81 -0.58
N ASN B 133 -12.32 22.14 -0.18
CA ASN B 133 -13.57 22.14 -0.92
C ASN B 133 -14.73 22.02 0.06
N PRO B 134 -15.29 23.16 0.47
CA PRO B 134 -16.38 23.11 1.42
C PRO B 134 -17.64 22.44 0.92
N GLY B 135 -17.76 22.19 -0.39
CA GLY B 135 -18.91 21.47 -0.92
C GLY B 135 -18.86 19.96 -0.80
N LEU B 136 -17.70 19.41 -0.46
CA LEU B 136 -17.51 17.96 -0.32
CA LEU B 136 -17.55 17.96 -0.33
C LEU B 136 -18.42 17.44 0.79
N LYS B 137 -19.14 16.36 0.50
CA LYS B 137 -19.98 15.65 1.45
C LYS B 137 -19.29 14.40 1.95
N PHE B 138 -19.76 13.89 3.09
CA PHE B 138 -19.24 12.64 3.60
C PHE B 138 -20.24 11.74 4.25
N ILE B 139 -20.02 10.45 4.00
CA ILE B 139 -20.77 9.37 4.60
C ILE B 139 -19.81 8.83 5.60
N VAL B 140 -20.28 8.55 6.82
CA VAL B 140 -19.47 7.92 7.85
C VAL B 140 -20.06 6.58 8.28
N ILE B 141 -19.20 5.57 8.36
CA ILE B 141 -19.54 4.27 8.95
C ILE B 141 -18.86 4.25 10.33
N THR B 142 -19.65 4.06 11.39
CA THR B 142 -19.17 4.19 12.75
C THR B 142 -19.93 3.28 13.72
N GLY B 143 -19.27 2.96 14.83
CA GLY B 143 -19.88 2.26 15.94
C GLY B 143 -20.60 3.21 16.87
N ASN B 144 -20.36 4.52 16.71
CA ASN B 144 -20.91 5.51 17.61
C ASN B 144 -21.63 6.65 16.88
N PRO B 145 -22.93 6.47 16.64
CA PRO B 145 -23.69 7.51 15.93
C PRO B 145 -23.86 8.83 16.67
N ASP B 146 -23.48 8.90 17.94
CA ASP B 146 -23.50 10.16 18.67
C ASP B 146 -22.17 10.89 18.64
N SER B 147 -21.20 10.36 17.90
CA SER B 147 -19.85 10.94 17.88
C SER B 147 -19.79 12.21 17.05
N PRO B 148 -18.68 12.95 17.15
CA PRO B 148 -18.54 14.17 16.36
C PRO B 148 -18.59 13.91 14.87
N LEU B 149 -17.85 12.91 14.39
CA LEU B 149 -17.83 12.60 12.97
C LEU B 149 -19.22 12.22 12.49
N ALA B 150 -19.93 11.42 13.29
CA ALA B 150 -21.29 11.03 12.95
C ALA B 150 -22.23 12.25 12.87
N SER B 151 -22.18 13.11 13.89
CA SER B 151 -23.10 14.25 13.93
C SER B 151 -22.83 15.21 12.75
N GLU B 152 -21.56 15.34 12.36
CA GLU B 152 -21.19 16.24 11.27
C GLU B 152 -21.36 15.65 9.86
N SER B 153 -21.56 14.34 9.77
CA SER B 153 -21.64 13.67 8.48
C SER B 153 -22.91 14.06 7.74
N ASP B 154 -22.90 13.91 6.42
CA ASP B 154 -24.10 14.07 5.62
C ASP B 154 -24.98 12.84 5.80
N VAL B 155 -24.36 11.67 5.96
CA VAL B 155 -25.09 10.45 6.24
C VAL B 155 -24.28 9.59 7.18
N CYS B 156 -24.93 9.05 8.23
CA CYS B 156 -24.24 8.20 9.20
C CYS B 156 -24.80 6.78 9.11
N LEU B 157 -23.92 5.83 8.82
CA LEU B 157 -24.27 4.42 8.86
C LEU B 157 -23.64 3.77 10.09
N SER B 158 -24.47 3.20 10.95
CA SER B 158 -24.02 2.60 12.20
CA SER B 158 -24.00 2.60 12.19
CA SER B 158 -24.00 2.60 12.19
C SER B 158 -23.80 1.09 12.08
N THR B 159 -22.79 0.59 12.77
CA THR B 159 -22.54 -0.86 12.83
C THR B 159 -23.46 -1.59 13.82
N GLY B 160 -24.13 -0.87 14.71
CA GLY B 160 -24.84 -1.49 15.85
C GLY B 160 -23.94 -1.78 17.04
N HIS B 161 -22.65 -1.55 16.85
CA HIS B 161 -21.65 -1.67 17.90
C HIS B 161 -21.65 -3.04 18.60
N PRO B 162 -21.46 -4.09 17.83
CA PRO B 162 -21.37 -5.44 18.36
C PRO B 162 -20.15 -5.64 19.24
N ALA B 163 -20.27 -6.57 20.18
CA ALA B 163 -19.19 -6.95 21.05
C ALA B 163 -18.16 -7.66 20.18
N GLU B 164 -16.89 -7.29 20.34
CA GLU B 164 -15.79 -7.96 19.67
C GLU B 164 -15.64 -9.37 20.21
N VAL B 165 -15.22 -10.29 19.36
CA VAL B 165 -15.04 -11.69 19.78
C VAL B 165 -13.62 -11.93 20.29
N CYS B 166 -12.78 -10.90 20.19
CA CYS B 166 -11.49 -10.83 20.87
C CYS B 166 -11.63 -11.34 22.30
N THR B 167 -10.67 -12.11 22.76
CA THR B 167 -10.70 -12.62 24.13
C THR B 167 -10.66 -11.50 25.18
N LEU B 168 -10.12 -10.35 24.80
CA LEU B 168 -10.06 -9.17 25.66
C LEU B 168 -11.20 -8.19 25.37
N GLY B 169 -12.04 -8.50 24.40
CA GLY B 169 -13.12 -7.60 24.00
C GLY B 169 -12.69 -6.34 23.23
N MSE B 170 -11.45 -6.33 22.76
CA MSE B 170 -10.83 -5.10 22.22
C MSE B 170 -10.54 -5.13 20.71
O MSE B 170 -10.75 -4.13 20.02
CB MSE B 170 -9.52 -4.88 22.97
CG MSE B 170 -9.75 -4.91 24.46
SE MSE B 170 -10.31 -3.15 24.96
CE MSE B 170 -8.43 -2.81 25.26
N THR B 171 -10.00 -6.24 20.22
CA THR B 171 -9.51 -6.30 18.86
C THR B 171 -10.66 -6.21 17.87
N PRO B 172 -10.51 -5.38 16.83
CA PRO B 172 -11.60 -5.26 15.84
C PRO B 172 -11.76 -6.57 15.08
N THR B 173 -12.94 -7.14 15.20
CA THR B 173 -13.27 -8.43 14.64
C THR B 173 -14.70 -8.35 14.13
N THR B 174 -15.67 -8.51 15.02
CA THR B 174 -17.07 -8.35 14.61
CA THR B 174 -17.07 -8.34 14.68
C THR B 174 -17.34 -6.96 14.07
N SER B 175 -16.70 -5.94 14.61
CA SER B 175 -16.91 -4.57 14.11
C SER B 175 -16.47 -4.48 12.64
N THR B 176 -15.29 -5.02 12.35
CA THR B 176 -14.78 -5.00 10.99
C THR B 176 -15.51 -5.93 10.01
N THR B 177 -16.04 -7.03 10.53
CA THR B 177 -16.92 -7.90 9.73
C THR B 177 -18.22 -7.16 9.37
N VAL B 178 -18.81 -6.46 10.33
CA VAL B 178 -19.97 -5.59 10.07
C VAL B 178 -19.61 -4.50 9.04
N MSE B 179 -18.43 -3.91 9.18
CA MSE B 179 -18.07 -2.82 8.27
C MSE B 179 -17.93 -3.35 6.83
O MSE B 179 -18.37 -2.69 5.88
CB MSE B 179 -16.80 -2.12 8.74
CG MSE B 179 -16.98 -1.32 10.10
SE MSE B 179 -15.25 -0.96 10.74
CE MSE B 179 -15.64 -0.02 12.37
N THR B 180 -17.38 -4.54 6.66
CA THR B 180 -17.24 -5.08 5.31
C THR B 180 -18.61 -5.39 4.68
N VAL B 181 -19.56 -5.84 5.51
CA VAL B 181 -20.94 -6.05 5.06
C VAL B 181 -21.65 -4.76 4.67
N ILE B 182 -21.48 -3.71 5.47
CA ILE B 182 -22.04 -2.39 5.14
C ILE B 182 -21.49 -1.97 3.78
N GLY B 183 -20.20 -2.21 3.55
CA GLY B 183 -19.57 -2.04 2.24
C GLY B 183 -20.27 -2.78 1.11
N ASP B 184 -20.52 -4.07 1.32
CA ASP B 184 -21.22 -4.92 0.35
C ASP B 184 -22.61 -4.34 0.04
N ILE B 185 -23.30 -3.95 1.09
CA ILE B 185 -24.65 -3.39 0.97
C ILE B 185 -24.61 -2.16 0.07
N LEU B 186 -23.70 -1.24 0.36
CA LEU B 186 -23.58 0.01 -0.43
C LEU B 186 -23.30 -0.28 -1.92
N VAL B 187 -22.41 -1.25 -2.16
CA VAL B 187 -22.03 -1.64 -3.52
C VAL B 187 -23.21 -2.27 -4.25
N VAL B 188 -23.87 -3.24 -3.62
CA VAL B 188 -24.98 -3.95 -4.24
C VAL B 188 -26.18 -3.02 -4.51
N GLN B 189 -26.54 -2.17 -3.55
CA GLN B 189 -27.66 -1.22 -3.78
C GLN B 189 -27.34 -0.17 -4.85
N THR B 190 -26.08 0.27 -4.92
CA THR B 190 -25.67 1.21 -5.91
C THR B 190 -25.71 0.57 -7.32
N MSE B 191 -25.16 -0.63 -7.44
CA MSE B 191 -25.10 -1.33 -8.71
C MSE B 191 -26.47 -1.65 -9.25
O MSE B 191 -26.64 -1.78 -10.47
CB MSE B 191 -24.19 -2.56 -8.63
CG MSE B 191 -24.78 -3.77 -7.98
SE MSE B 191 -23.38 -5.10 -7.75
CE MSE B 191 -22.81 -5.33 -9.57
N LYS B 192 -27.44 -1.85 -8.36
CA LYS B 192 -28.83 -2.01 -8.80
C LYS B 192 -29.33 -0.71 -9.45
N ARG B 193 -29.00 0.42 -8.85
CA ARG B 193 -29.44 1.71 -9.37
CA ARG B 193 -29.44 1.71 -9.36
C ARG B 193 -28.70 2.08 -10.64
N THR B 194 -27.41 1.79 -10.70
CA THR B 194 -26.66 2.16 -11.89
C THR B 194 -26.83 1.14 -13.04
N GLU B 195 -27.48 0.02 -12.76
CA GLU B 195 -27.69 -1.03 -13.75
C GLU B 195 -26.39 -1.55 -14.37
N PHE B 196 -25.37 -1.65 -13.53
CA PHE B 196 -24.09 -2.19 -13.94
C PHE B 196 -24.27 -3.55 -14.64
N THR B 197 -23.58 -3.73 -15.76
CA THR B 197 -23.79 -4.91 -16.61
C THR B 197 -22.60 -5.86 -16.55
N ILE B 198 -22.83 -7.09 -17.03
CA ILE B 198 -21.76 -8.08 -17.10
C ILE B 198 -20.68 -7.64 -18.12
N GLU B 199 -21.06 -6.93 -19.17
CA GLU B 199 -20.05 -6.41 -20.11
C GLU B 199 -19.14 -5.39 -19.42
N GLU B 200 -19.73 -4.49 -18.64
CA GLU B 200 -18.94 -3.51 -17.92
C GLU B 200 -18.08 -4.17 -16.85
N TYR B 201 -18.62 -5.19 -16.18
CA TYR B 201 -17.81 -6.01 -15.27
CA TYR B 201 -17.83 -6.04 -15.29
C TYR B 201 -16.60 -6.60 -15.99
N SER B 202 -16.82 -7.20 -17.17
CA SER B 202 -15.74 -7.86 -17.90
C SER B 202 -14.61 -6.92 -18.26
N LYS B 203 -14.94 -5.67 -18.53
CA LYS B 203 -13.93 -4.69 -18.92
CA LYS B 203 -13.93 -4.68 -18.94
C LYS B 203 -13.01 -4.27 -17.76
N ARG B 204 -13.37 -4.65 -16.54
CA ARG B 204 -12.63 -4.22 -15.37
C ARG B 204 -11.90 -5.39 -14.74
N HIS B 205 -11.83 -6.51 -15.45
CA HIS B 205 -11.24 -7.74 -14.91
C HIS B 205 -10.50 -8.51 -15.98
N HIS B 206 -9.53 -9.32 -15.56
CA HIS B 206 -8.90 -10.24 -16.50
C HIS B 206 -9.90 -11.28 -16.99
N GLY B 207 -9.53 -11.94 -18.08
CA GLY B 207 -10.46 -12.84 -18.77
C GLY B 207 -10.91 -14.06 -17.97
N GLY B 208 -10.09 -14.47 -17.01
CA GLY B 208 -10.44 -15.59 -16.16
C GLY B 208 -11.74 -15.33 -15.43
N TYR B 209 -12.06 -14.07 -15.14
CA TYR B 209 -13.32 -13.74 -14.48
C TYR B 209 -14.58 -14.06 -15.32
N LEU B 210 -14.44 -14.17 -16.63
CA LEU B 210 -15.55 -14.55 -17.50
C LEU B 210 -15.34 -15.96 -18.06
N GLY B 211 -14.41 -16.70 -17.47
CA GLY B 211 -14.13 -18.06 -17.90
C GLY B 211 -13.51 -18.16 -19.27
N GLU B 212 -12.65 -17.20 -19.62
CA GLU B 212 -11.96 -17.19 -20.91
C GLU B 212 -10.52 -17.67 -20.74
N GLY C 19 38.74 1.98 1.29
CA GLY C 19 37.89 2.58 2.38
C GLY C 19 36.45 2.81 1.92
N MSE C 20 35.53 2.75 2.87
CA MSE C 20 34.12 2.90 2.53
C MSE C 20 33.85 4.32 2.04
O MSE C 20 33.04 4.51 1.13
CB MSE C 20 33.22 2.57 3.73
CG MSE C 20 31.78 2.54 3.33
SE MSE C 20 30.51 1.91 4.61
CE MSE C 20 31.13 0.10 4.77
N ILE C 21 34.51 5.30 2.62
CA ILE C 21 34.28 6.69 2.22
C ILE C 21 34.60 6.87 0.73
N GLU C 22 35.73 6.34 0.27
CA GLU C 22 36.07 6.46 -1.14
C GLU C 22 35.08 5.70 -2.05
N SER C 23 34.64 4.53 -1.59
CA SER C 23 33.70 3.72 -2.35
C SER C 23 32.36 4.47 -2.47
N ILE C 24 31.90 5.09 -1.38
CA ILE C 24 30.64 5.85 -1.42
C ILE C 24 30.79 7.07 -2.34
N GLN C 25 31.91 7.76 -2.24
CA GLN C 25 32.19 8.90 -3.13
CA GLN C 25 32.13 8.91 -3.12
C GLN C 25 32.08 8.50 -4.59
N GLU C 26 32.59 7.31 -4.93
CA GLU C 26 32.50 6.78 -6.29
CA GLU C 26 32.51 6.80 -6.29
C GLU C 26 31.06 6.52 -6.72
N LEU C 27 30.25 6.01 -5.79
CA LEU C 27 28.83 5.76 -6.03
CA LEU C 27 28.85 5.75 -6.06
C LEU C 27 28.09 7.06 -6.33
N LEU C 28 28.35 8.07 -5.52
CA LEU C 28 27.78 9.41 -5.76
C LEU C 28 28.09 9.90 -7.20
N GLN C 29 29.35 9.77 -7.59
CA GLN C 29 29.76 10.19 -8.93
C GLN C 29 28.96 9.47 -9.98
N LYS C 30 28.75 8.16 -9.78
CA LYS C 30 28.06 7.35 -10.78
C LYS C 30 26.59 7.71 -10.87
N GLU C 31 25.97 7.88 -9.71
CA GLU C 31 24.56 8.25 -9.65
C GLU C 31 24.32 9.65 -10.22
N ALA C 32 25.17 10.61 -9.84
CA ALA C 32 25.12 11.99 -10.37
C ALA C 32 25.29 11.99 -11.90
N GLN C 33 26.22 11.18 -12.39
CA GLN C 33 26.44 11.11 -13.82
C GLN C 33 25.26 10.53 -14.58
N ALA C 34 24.63 9.51 -14.00
CA ALA C 34 23.41 8.97 -14.57
C ALA C 34 22.35 10.07 -14.71
N VAL C 35 22.18 10.88 -13.68
CA VAL C 35 21.20 11.96 -13.70
C VAL C 35 21.58 12.98 -14.80
N LEU C 36 22.86 13.33 -14.91
CA LEU C 36 23.28 14.28 -15.93
C LEU C 36 23.08 13.73 -17.33
N ASN C 37 23.09 12.41 -17.45
CA ASN C 37 22.96 11.71 -18.73
C ASN C 37 21.53 11.47 -19.19
N ILE C 38 20.54 11.87 -18.40
CA ILE C 38 19.14 11.66 -18.79
C ILE C 38 18.93 12.38 -20.15
N PRO C 39 18.49 11.64 -21.18
CA PRO C 39 18.35 12.32 -22.48
C PRO C 39 17.20 13.29 -22.53
N VAL C 40 17.47 14.54 -22.89
CA VAL C 40 16.44 15.57 -22.88
C VAL C 40 16.07 15.94 -24.31
N THR C 41 14.82 15.70 -24.66
CA THR C 41 14.32 15.95 -26.01
C THR C 41 12.94 16.61 -25.88
N ASP C 42 12.30 16.88 -27.01
CA ASP C 42 10.93 17.43 -27.04
C ASP C 42 9.90 16.52 -26.41
N ALA C 43 10.26 15.27 -26.12
CA ALA C 43 9.35 14.32 -25.45
C ALA C 43 8.84 14.88 -24.10
N TYR C 44 9.69 15.60 -23.37
CA TYR C 44 9.29 16.22 -22.12
C TYR C 44 8.16 17.26 -22.34
N GLU C 45 8.34 18.16 -23.29
CA GLU C 45 7.30 19.14 -23.58
C GLU C 45 5.98 18.45 -23.98
N LYS C 46 6.10 17.39 -24.79
CA LYS C 46 4.94 16.63 -25.19
C LYS C 46 4.25 15.98 -24.01
N ALA C 47 5.04 15.41 -23.10
CA ALA C 47 4.46 14.82 -21.87
C ALA C 47 3.79 15.87 -20.97
N VAL C 48 4.47 16.99 -20.77
CA VAL C 48 3.90 18.03 -19.91
C VAL C 48 2.61 18.60 -20.54
N GLU C 49 2.59 18.77 -21.87
CA GLU C 49 1.38 19.26 -22.54
CA GLU C 49 1.39 19.25 -22.56
C GLU C 49 0.22 18.28 -22.34
N LEU C 50 0.49 16.96 -22.37
CA LEU C 50 -0.57 15.97 -22.11
C LEU C 50 -1.12 16.07 -20.70
N ILE C 51 -0.23 16.24 -19.71
CA ILE C 51 -0.62 16.38 -18.31
C ILE C 51 -1.45 17.62 -18.13
N VAL C 52 -0.99 18.73 -18.69
CA VAL C 52 -1.72 19.98 -18.53
C VAL C 52 -3.08 19.90 -19.22
N GLU C 53 -3.12 19.31 -20.41
CA GLU C 53 -4.38 19.18 -21.14
C GLU C 53 -5.37 18.25 -20.45
N GLN C 54 -4.92 17.04 -20.14
CA GLN C 54 -5.82 16.02 -19.59
C GLN C 54 -6.25 16.29 -18.15
N ILE C 55 -5.33 16.76 -17.31
CA ILE C 55 -5.64 16.98 -15.92
C ILE C 55 -6.03 18.42 -15.62
N HIS C 56 -5.14 19.34 -15.94
CA HIS C 56 -5.37 20.74 -15.62
C HIS C 56 -6.55 21.34 -16.36
N ARG C 57 -6.66 21.05 -17.65
CA ARG C 57 -7.70 21.63 -18.48
CA ARG C 57 -7.74 21.64 -18.44
C ARG C 57 -8.96 20.74 -18.43
N LYS C 58 -8.80 19.47 -18.80
CA LYS C 58 -9.96 18.57 -18.91
C LYS C 58 -10.42 17.92 -17.57
N LYS C 59 -9.63 18.11 -16.50
CA LYS C 59 -10.03 17.71 -15.15
CA LYS C 59 -10.03 17.71 -15.14
C LYS C 59 -10.08 16.20 -14.94
N GLY C 60 -9.30 15.47 -15.71
CA GLY C 60 -9.02 14.06 -15.42
C GLY C 60 -7.97 13.98 -14.31
N LYS C 61 -7.46 12.76 -14.09
CA LYS C 61 -6.38 12.55 -13.13
C LYS C 61 -5.30 11.71 -13.77
N LEU C 62 -4.11 11.80 -13.20
CA LEU C 62 -2.95 11.10 -13.72
C LEU C 62 -2.83 9.79 -12.95
N VAL C 63 -2.98 8.70 -13.69
CA VAL C 63 -2.89 7.39 -13.08
C VAL C 63 -1.50 6.85 -13.36
N THR C 64 -0.72 6.66 -12.30
CA THR C 64 0.62 6.13 -12.42
C THR C 64 0.62 4.63 -12.11
N SER C 65 1.61 3.93 -12.63
CA SER C 65 1.74 2.50 -12.43
C SER C 65 3.16 2.02 -12.68
N GLY C 66 3.50 0.91 -12.04
CA GLY C 66 4.79 0.26 -12.20
C GLY C 66 4.81 -0.97 -11.29
N MSE C 67 5.85 -1.79 -11.43
CA MSE C 67 6.04 -2.97 -10.59
C MSE C 67 7.32 -2.85 -9.84
O MSE C 67 8.29 -2.23 -10.32
CB MSE C 67 6.10 -4.20 -11.46
CG MSE C 67 4.78 -4.56 -12.04
SE MSE C 67 3.51 -5.18 -10.72
CE MSE C 67 4.72 -6.39 -9.76
N GLY C 68 7.37 -3.43 -8.65
CA GLY C 68 8.65 -3.50 -7.90
C GLY C 68 9.09 -2.11 -7.48
N LYS C 69 10.39 -1.90 -7.39
CA LYS C 69 10.90 -0.61 -6.94
C LYS C 69 10.46 0.48 -7.92
N ALA C 70 10.38 0.16 -9.22
CA ALA C 70 9.96 1.16 -10.19
C ALA C 70 8.52 1.62 -9.90
N GLY C 71 7.70 0.68 -9.41
CA GLY C 71 6.33 1.01 -9.03
C GLY C 71 6.30 1.93 -7.81
N GLN C 72 7.25 1.78 -6.92
CA GLN C 72 7.30 2.66 -5.75
C GLN C 72 7.73 4.08 -6.16
N ILE C 73 8.53 4.18 -7.22
CA ILE C 73 8.81 5.50 -7.81
C ILE C 73 7.51 6.09 -8.41
N ALA C 74 6.73 5.28 -9.12
CA ALA C 74 5.43 5.69 -9.65
C ALA C 74 4.51 6.15 -8.54
N MSE C 75 4.54 5.46 -7.37
CA MSE C 75 3.79 5.93 -6.20
C MSE C 75 4.22 7.33 -5.79
O MSE C 75 3.37 8.20 -5.52
CB MSE C 75 3.94 5.00 -4.98
CG MSE C 75 3.36 3.63 -5.21
SE MSE C 75 3.81 2.51 -3.69
CE MSE C 75 3.70 0.76 -4.61
N ASN C 76 5.52 7.55 -5.73
CA ASN C 76 6.03 8.85 -5.28
C ASN C 76 5.71 9.98 -6.25
N ILE C 77 5.67 9.66 -7.54
CA ILE C 77 5.27 10.64 -8.56
C ILE C 77 3.81 11.04 -8.40
N ALA C 78 2.92 10.08 -8.14
CA ALA C 78 1.51 10.41 -7.93
C ALA C 78 1.31 11.38 -6.75
N THR C 79 2.02 11.11 -5.67
CA THR C 79 1.95 11.98 -4.48
C THR C 79 2.45 13.38 -4.80
N THR C 80 3.55 13.44 -5.53
CA THR C 80 4.18 14.72 -5.87
C THR C 80 3.27 15.56 -6.78
N PHE C 81 2.59 14.92 -7.73
CA PHE C 81 1.57 15.60 -8.52
C PHE C 81 0.39 16.07 -7.68
N CYS C 82 -0.14 15.20 -6.81
CA CYS C 82 -1.18 15.64 -5.91
C CYS C 82 -0.77 16.91 -5.12
N SER C 83 0.45 16.87 -4.59
CA SER C 83 1.00 17.94 -3.77
C SER C 83 1.04 19.29 -4.50
N THR C 84 1.07 19.23 -5.85
CA THR C 84 1.28 20.37 -6.72
C THR C 84 0.10 20.64 -7.66
N GLY C 85 -1.07 20.13 -7.25
CA GLY C 85 -2.33 20.52 -7.85
C GLY C 85 -2.77 19.73 -9.08
N ILE C 86 -2.18 18.55 -9.26
CA ILE C 86 -2.50 17.65 -10.36
C ILE C 86 -2.99 16.38 -9.70
N PRO C 87 -4.31 16.20 -9.66
CA PRO C 87 -4.78 14.96 -9.05
C PRO C 87 -4.20 13.71 -9.72
N SER C 88 -3.71 12.80 -8.90
CA SER C 88 -2.95 11.67 -9.39
C SER C 88 -3.08 10.52 -8.40
N VAL C 89 -3.16 9.32 -8.92
CA VAL C 89 -3.27 8.12 -8.10
C VAL C 89 -2.47 6.98 -8.72
N PHE C 90 -1.86 6.19 -7.86
CA PHE C 90 -1.15 4.97 -8.29
C PHE C 90 -2.17 3.85 -8.44
N LEU C 91 -2.15 3.18 -9.59
CA LEU C 91 -2.95 2.01 -9.87
C LEU C 91 -2.01 0.84 -9.99
N HIS C 92 -2.09 -0.10 -9.08
CA HIS C 92 -1.20 -1.25 -9.12
C HIS C 92 -1.60 -2.08 -10.35
N PRO C 93 -0.65 -2.42 -11.20
CA PRO C 93 -1.03 -2.99 -12.51
C PRO C 93 -1.55 -4.43 -12.45
N SER C 94 -1.22 -5.17 -11.39
CA SER C 94 -1.80 -6.50 -11.17
CA SER C 94 -1.80 -6.51 -11.17
C SER C 94 -3.19 -6.37 -10.58
N GLU C 95 -3.30 -5.52 -9.57
CA GLU C 95 -4.59 -5.29 -8.91
C GLU C 95 -5.60 -4.72 -9.88
N ALA C 96 -5.12 -3.95 -10.89
CA ALA C 96 -6.05 -3.43 -11.92
C ALA C 96 -6.92 -4.53 -12.53
N GLN C 97 -6.33 -5.71 -12.68
CA GLN C 97 -6.96 -6.83 -13.35
C GLN C 97 -7.95 -7.59 -12.50
N HIS C 98 -8.13 -7.15 -11.25
CA HIS C 98 -9.08 -7.72 -10.31
C HIS C 98 -10.17 -6.74 -9.89
N GLY C 99 -10.35 -5.67 -10.67
CA GLY C 99 -11.43 -4.72 -10.45
C GLY C 99 -10.97 -3.28 -10.34
N ASP C 100 -9.73 -3.05 -9.89
CA ASP C 100 -9.24 -1.71 -9.64
C ASP C 100 -9.09 -0.90 -10.93
N LEU C 101 -9.11 -1.54 -12.09
CA LEU C 101 -9.16 -0.80 -13.35
C LEU C 101 -10.32 0.20 -13.36
N GLY C 102 -11.40 -0.13 -12.65
CA GLY C 102 -12.57 0.74 -12.53
C GLY C 102 -12.33 2.11 -11.90
N ILE C 103 -11.13 2.33 -11.37
CA ILE C 103 -10.71 3.67 -10.93
C ILE C 103 -10.67 4.67 -12.10
N LEU C 104 -10.49 4.18 -13.31
CA LEU C 104 -10.33 5.04 -14.48
C LEU C 104 -11.59 5.84 -14.80
N GLN C 105 -11.39 7.13 -15.09
CA GLN C 105 -12.45 8.03 -15.46
C GLN C 105 -12.15 8.64 -16.84
N GLU C 106 -13.14 9.30 -17.41
CA GLU C 106 -12.98 10.00 -18.68
C GLU C 106 -11.88 11.07 -18.51
N ASN C 107 -11.05 11.22 -19.52
CA ASN C 107 -10.02 12.26 -19.50
C ASN C 107 -8.79 11.92 -18.67
N ASP C 108 -8.74 10.73 -18.07
CA ASP C 108 -7.54 10.34 -17.34
C ASP C 108 -6.39 10.14 -18.34
N LEU C 109 -5.19 10.12 -17.78
CA LEU C 109 -3.95 9.96 -18.50
C LEU C 109 -3.10 8.97 -17.70
N LEU C 110 -2.47 8.02 -18.37
CA LEU C 110 -1.59 7.06 -17.72
CA LEU C 110 -1.59 7.04 -17.74
C LEU C 110 -0.11 7.43 -17.80
N LEU C 111 0.61 7.22 -16.69
CA LEU C 111 2.07 7.37 -16.62
C LEU C 111 2.60 6.01 -16.15
N LEU C 112 3.22 5.27 -17.05
CA LEU C 112 3.69 3.91 -16.81
C LEU C 112 5.21 3.88 -16.66
N ILE C 113 5.70 3.19 -15.63
CA ILE C 113 7.12 3.02 -15.44
C ILE C 113 7.50 1.54 -15.62
N SER C 114 8.34 1.27 -16.62
CA SER C 114 8.85 -0.07 -16.90
C SER C 114 10.29 0.03 -17.37
N ASN C 115 11.26 -0.40 -16.55
CA ASN C 115 12.67 -0.29 -16.94
C ASN C 115 12.91 -1.12 -18.22
N SER C 116 12.44 -2.35 -18.21
CA SER C 116 12.58 -3.26 -19.36
C SER C 116 11.77 -2.83 -20.58
N GLY C 117 10.68 -2.12 -20.30
CA GLY C 117 9.67 -1.80 -21.32
C GLY C 117 8.82 -2.98 -21.75
N LYS C 118 8.83 -4.06 -20.99
CA LYS C 118 8.01 -5.24 -21.30
C LYS C 118 7.52 -5.95 -20.04
N THR C 119 7.42 -5.20 -18.94
CA THR C 119 6.90 -5.70 -17.68
C THR C 119 5.53 -6.32 -17.85
N ARG C 120 5.42 -7.58 -17.48
CA ARG C 120 4.22 -8.37 -17.78
C ARG C 120 2.97 -7.59 -17.42
N GLU C 121 2.92 -7.13 -16.18
CA GLU C 121 1.70 -6.49 -15.66
C GLU C 121 1.36 -5.16 -16.31
N ILE C 122 2.37 -4.43 -16.77
CA ILE C 122 2.18 -3.13 -17.44
CA ILE C 122 2.15 -3.13 -17.44
C ILE C 122 1.69 -3.36 -18.88
N VAL C 123 2.24 -4.37 -19.54
CA VAL C 123 1.76 -4.74 -20.87
C VAL C 123 0.30 -5.17 -20.72
N GLU C 124 0.01 -5.97 -19.70
CA GLU C 124 -1.37 -6.41 -19.50
C GLU C 124 -2.27 -5.24 -19.17
N LEU C 125 -1.77 -4.30 -18.36
CA LEU C 125 -2.55 -3.15 -18.00
C LEU C 125 -2.90 -2.28 -19.21
N THR C 126 -1.96 -2.05 -20.10
CA THR C 126 -2.23 -1.22 -21.27
CA THR C 126 -2.21 -1.23 -21.28
C THR C 126 -3.31 -1.85 -22.14
N GLN C 127 -3.27 -3.17 -22.30
CA GLN C 127 -4.28 -3.82 -23.11
C GLN C 127 -5.67 -3.72 -22.48
N LEU C 128 -5.76 -3.91 -21.16
CA LEU C 128 -7.05 -3.87 -20.47
CA LEU C 128 -7.05 -3.85 -20.44
C LEU C 128 -7.58 -2.42 -20.47
N ALA C 129 -6.69 -1.46 -20.22
CA ALA C 129 -7.05 -0.06 -20.20
C ALA C 129 -7.55 0.36 -21.59
N HIS C 130 -6.88 -0.12 -22.64
CA HIS C 130 -7.25 0.22 -24.00
C HIS C 130 -8.61 -0.33 -24.38
N ASN C 131 -8.92 -1.55 -23.93
CA ASN C 131 -10.27 -2.12 -24.11
C ASN C 131 -11.34 -1.35 -23.35
N LEU C 132 -10.99 -0.83 -22.18
CA LEU C 132 -11.95 -0.05 -21.39
C LEU C 132 -12.22 1.30 -22.03
N ASN C 133 -11.15 1.99 -22.40
CA ASN C 133 -11.21 3.32 -22.97
C ASN C 133 -10.12 3.50 -24.02
N PRO C 134 -10.46 3.29 -25.30
CA PRO C 134 -9.43 3.37 -26.35
C PRO C 134 -8.78 4.75 -26.53
N GLY C 135 -9.42 5.82 -26.04
CA GLY C 135 -8.86 7.16 -26.12
C GLY C 135 -7.84 7.52 -25.05
N LEU C 136 -7.68 6.65 -24.05
CA LEU C 136 -6.73 6.87 -22.98
CA LEU C 136 -6.71 6.90 -22.99
C LEU C 136 -5.32 6.92 -23.59
N LYS C 137 -4.54 7.92 -23.19
CA LYS C 137 -3.15 8.02 -23.64
C LYS C 137 -2.21 7.59 -22.55
N PHE C 138 -0.98 7.27 -22.94
CA PHE C 138 0.01 6.92 -21.96
C PHE C 138 1.41 7.39 -22.27
N ILE C 139 2.04 7.85 -21.19
CA ILE C 139 3.43 8.25 -21.14
C ILE C 139 4.14 7.07 -20.50
N VAL C 140 5.27 6.68 -21.08
CA VAL C 140 6.09 5.62 -20.49
CA VAL C 140 6.10 5.59 -20.58
C VAL C 140 7.48 6.10 -20.19
N ILE C 141 7.91 5.78 -18.97
CA ILE C 141 9.27 5.95 -18.56
C ILE C 141 9.96 4.57 -18.58
N THR C 142 11.05 4.45 -19.33
CA THR C 142 11.69 3.17 -19.58
C THR C 142 13.17 3.33 -19.84
N GLY C 143 13.92 2.27 -19.55
CA GLY C 143 15.31 2.20 -19.95
C GLY C 143 15.45 1.66 -21.35
N ASN C 144 14.37 1.20 -21.96
CA ASN C 144 14.45 0.67 -23.32
C ASN C 144 13.41 1.29 -24.28
N PRO C 145 13.80 2.40 -24.92
CA PRO C 145 12.90 3.09 -25.84
C PRO C 145 12.56 2.31 -27.11
N ASP C 146 13.22 1.17 -27.37
CA ASP C 146 12.90 0.32 -28.52
C ASP C 146 11.89 -0.77 -28.17
N SER C 147 11.45 -0.82 -26.93
CA SER C 147 10.56 -1.86 -26.47
C SER C 147 9.13 -1.65 -26.96
N PRO C 148 8.29 -2.70 -26.84
CA PRO C 148 6.87 -2.67 -27.18
C PRO C 148 6.12 -1.55 -26.50
N LEU C 149 6.23 -1.47 -25.18
CA LEU C 149 5.57 -0.40 -24.43
C LEU C 149 6.03 0.93 -24.98
N ALA C 150 7.33 1.09 -25.18
CA ALA C 150 7.86 2.36 -25.66
C ALA C 150 7.27 2.75 -27.01
N SER C 151 7.27 1.81 -27.95
CA SER C 151 6.86 2.13 -29.31
CA SER C 151 6.85 2.08 -29.33
C SER C 151 5.37 2.45 -29.39
N GLU C 152 4.56 1.78 -28.58
CA GLU C 152 3.12 2.07 -28.60
C GLU C 152 2.71 3.26 -27.70
N SER C 153 3.63 3.82 -26.90
CA SER C 153 3.28 4.92 -26.02
C SER C 153 2.99 6.16 -26.83
N ASP C 154 2.24 7.07 -26.24
CA ASP C 154 2.05 8.39 -26.83
C ASP C 154 3.30 9.24 -26.66
N VAL C 155 3.96 9.07 -25.51
CA VAL C 155 5.24 9.72 -25.25
C VAL C 155 6.14 8.74 -24.49
N CYS C 156 7.39 8.67 -24.90
CA CYS C 156 8.39 7.83 -24.26
C CYS C 156 9.50 8.71 -23.72
N LEU C 157 9.73 8.62 -22.42
CA LEU C 157 10.82 9.27 -21.69
C LEU C 157 11.81 8.21 -21.26
N SER C 158 13.03 8.34 -21.75
CA SER C 158 14.06 7.33 -21.53
C SER C 158 14.93 7.65 -20.34
N THR C 159 15.34 6.61 -19.60
CA THR C 159 16.24 6.82 -18.46
C THR C 159 17.69 7.00 -18.89
N GLY C 160 18.01 6.65 -20.15
CA GLY C 160 19.39 6.56 -20.59
C GLY C 160 20.05 5.25 -20.20
N HIS C 161 19.26 4.35 -19.62
CA HIS C 161 19.71 3.08 -19.06
C HIS C 161 21.13 3.05 -18.50
N PRO C 162 21.32 3.80 -17.42
CA PRO C 162 22.60 3.80 -16.72
C PRO C 162 22.90 2.42 -16.13
N ALA C 163 24.17 2.14 -15.90
CA ALA C 163 24.58 0.93 -15.16
C ALA C 163 24.13 1.07 -13.71
N GLU C 164 23.62 -0.03 -13.14
CA GLU C 164 23.27 -0.04 -11.73
C GLU C 164 24.54 -0.04 -10.88
N VAL C 165 24.46 0.51 -9.68
CA VAL C 165 25.60 0.54 -8.74
C VAL C 165 25.64 -0.65 -7.81
N CYS C 166 24.58 -1.47 -7.86
CA CYS C 166 24.56 -2.81 -7.32
C CYS C 166 25.89 -3.54 -7.56
N THR C 167 26.40 -4.28 -6.56
CA THR C 167 27.64 -5.04 -6.74
C THR C 167 27.54 -6.09 -7.85
N LEU C 168 26.33 -6.52 -8.14
CA LEU C 168 26.04 -7.53 -9.18
C LEU C 168 25.57 -6.89 -10.48
N GLY C 169 25.45 -5.56 -10.49
CA GLY C 169 24.88 -4.83 -11.63
C GLY C 169 23.39 -5.03 -11.87
N MSE C 170 22.67 -5.56 -10.87
CA MSE C 170 21.28 -6.00 -11.05
CA MSE C 170 21.28 -6.02 -11.05
C MSE C 170 20.23 -5.14 -10.38
O MSE C 170 19.19 -4.85 -10.96
CB MSE C 170 21.08 -7.43 -10.51
CB MSE C 170 21.10 -7.44 -10.47
CG MSE C 170 21.91 -8.47 -11.16
CG MSE C 170 21.95 -8.52 -11.08
SE MSE C 170 21.43 -8.77 -13.03
SE MSE C 170 21.50 -8.86 -12.93
CE MSE C 170 19.60 -9.38 -12.80
CE MSE C 170 21.84 -10.78 -13.01
N THR C 171 20.48 -4.79 -9.13
CA THR C 171 19.51 -4.13 -8.31
C THR C 171 19.21 -2.71 -8.80
N PRO C 172 17.92 -2.38 -8.92
CA PRO C 172 17.58 -1.00 -9.33
C PRO C 172 18.01 0.02 -8.28
N THR C 173 18.92 0.88 -8.70
CA THR C 173 19.56 1.85 -7.88
C THR C 173 19.64 3.11 -8.77
N THR C 174 20.66 3.18 -9.61
CA THR C 174 20.76 4.31 -10.54
CA THR C 174 20.80 4.25 -10.57
C THR C 174 19.53 4.42 -11.41
N SER C 175 18.97 3.32 -11.87
CA SER C 175 17.77 3.40 -12.72
C SER C 175 16.63 4.11 -11.97
N THR C 176 16.38 3.71 -10.72
CA THR C 176 15.31 4.28 -9.92
C THR C 176 15.57 5.71 -9.45
N THR C 177 16.84 6.06 -9.26
CA THR C 177 17.22 7.45 -9.00
C THR C 177 16.92 8.30 -10.23
N VAL C 178 17.28 7.81 -11.43
CA VAL C 178 16.90 8.51 -12.66
C VAL C 178 15.38 8.66 -12.77
N MSE C 179 14.64 7.61 -12.42
CA MSE C 179 13.20 7.65 -12.59
C MSE C 179 12.58 8.69 -11.66
O MSE C 179 11.63 9.39 -12.05
CB MSE C 179 12.60 6.26 -12.36
CG MSE C 179 12.97 5.24 -13.43
SE MSE C 179 12.48 3.51 -12.69
CE MSE C 179 12.84 2.34 -14.17
N THR C 180 13.13 8.83 -10.45
CA THR C 180 12.54 9.79 -9.51
C THR C 180 12.83 11.21 -9.98
N VAL C 181 13.98 11.41 -10.60
CA VAL C 181 14.31 12.71 -11.17
C VAL C 181 13.44 13.02 -12.35
N ILE C 182 13.15 12.03 -13.19
CA ILE C 182 12.24 12.27 -14.30
C ILE C 182 10.87 12.69 -13.79
N GLY C 183 10.41 12.04 -12.72
CA GLY C 183 9.23 12.49 -11.98
C GLY C 183 9.27 13.94 -11.50
N ASP C 184 10.39 14.32 -10.88
CA ASP C 184 10.57 15.70 -10.42
C ASP C 184 10.45 16.65 -11.60
N ILE C 185 11.09 16.31 -12.72
CA ILE C 185 11.06 17.14 -13.94
C ILE C 185 9.63 17.39 -14.40
N LEU C 186 8.86 16.32 -14.51
CA LEU C 186 7.49 16.45 -14.98
C LEU C 186 6.66 17.33 -14.05
N VAL C 187 6.85 17.16 -12.75
CA VAL C 187 6.14 17.94 -11.74
C VAL C 187 6.53 19.42 -11.85
N VAL C 188 7.82 19.69 -11.88
CA VAL C 188 8.29 21.07 -11.88
C VAL C 188 7.83 21.78 -13.19
N GLN C 189 8.02 21.13 -14.34
CA GLN C 189 7.65 21.79 -15.61
C GLN C 189 6.14 21.98 -15.72
N THR C 190 5.38 21.04 -15.17
CA THR C 190 3.92 21.14 -15.12
C THR C 190 3.46 22.29 -14.21
N MSE C 191 4.04 22.42 -13.02
CA MSE C 191 3.61 23.46 -12.08
C MSE C 191 4.00 24.87 -12.57
O MSE C 191 3.36 25.87 -12.20
CB MSE C 191 4.13 23.17 -10.68
CG MSE C 191 5.61 23.42 -10.46
SE MSE C 191 6.23 22.72 -8.74
CE MSE C 191 5.02 23.61 -7.53
N LYS C 192 5.02 24.96 -13.39
CA LYS C 192 5.30 26.22 -14.08
C LYS C 192 4.14 26.59 -15.01
N ARG C 193 3.70 25.63 -15.82
CA ARG C 193 2.64 25.84 -16.79
CA ARG C 193 2.64 25.86 -16.78
C ARG C 193 1.30 26.11 -16.12
N THR C 194 1.03 25.44 -15.00
CA THR C 194 -0.24 25.61 -14.32
C THR C 194 -0.21 26.84 -13.40
N GLU C 195 0.97 27.42 -13.19
CA GLU C 195 1.15 28.57 -12.27
C GLU C 195 0.66 28.26 -10.85
N PHE C 196 0.96 27.06 -10.41
CA PHE C 196 0.56 26.61 -9.07
C PHE C 196 1.13 27.57 -8.00
N THR C 197 0.31 27.91 -7.04
CA THR C 197 0.64 28.94 -6.04
C THR C 197 0.87 28.37 -4.66
N ILE C 198 1.56 29.14 -3.83
CA ILE C 198 1.80 28.74 -2.45
C ILE C 198 0.49 28.55 -1.68
N GLU C 199 -0.51 29.37 -1.96
CA GLU C 199 -1.79 29.23 -1.31
C GLU C 199 -2.39 27.86 -1.59
N GLU C 200 -2.32 27.43 -2.84
CA GLU C 200 -2.86 26.12 -3.23
C GLU C 200 -2.01 24.98 -2.68
N TYR C 201 -0.69 25.18 -2.61
CA TYR C 201 0.18 24.23 -1.90
C TYR C 201 -0.26 24.05 -0.45
N SER C 202 -0.45 25.17 0.24
CA SER C 202 -0.77 25.13 1.65
CA SER C 202 -0.78 25.15 1.66
C SER C 202 -2.09 24.42 1.90
N LYS C 203 -3.01 24.51 0.94
CA LYS C 203 -4.29 23.85 1.08
C LYS C 203 -4.23 22.32 1.01
N ARG C 204 -3.11 21.76 0.56
CA ARG C 204 -2.98 20.33 0.35
C ARG C 204 -2.01 19.72 1.38
N HIS C 205 -1.73 20.48 2.45
CA HIS C 205 -0.77 20.07 3.45
C HIS C 205 -1.19 20.54 4.83
N HIS C 206 -0.68 19.86 5.86
CA HIS C 206 -0.93 20.33 7.22
C HIS C 206 -0.24 21.67 7.47
N GLY C 207 -0.64 22.33 8.55
CA GLY C 207 -0.19 23.70 8.83
C GLY C 207 1.30 23.87 8.98
N GLY C 208 2.00 22.82 9.41
CA GLY C 208 3.48 22.87 9.56
C GLY C 208 4.20 23.21 8.27
N TYR C 209 3.61 22.83 7.13
CA TYR C 209 4.21 23.13 5.86
C TYR C 209 4.24 24.64 5.54
N LEU C 210 3.46 25.47 6.22
CA LEU C 210 3.52 26.91 5.94
C LEU C 210 4.59 27.60 6.78
N LEU D 15 12.03 39.27 -22.33
CA LEU D 15 13.20 39.44 -23.24
C LEU D 15 14.18 38.28 -23.14
N TYR D 16 13.98 37.39 -22.16
CA TYR D 16 14.89 36.26 -21.91
C TYR D 16 14.16 34.92 -21.85
N PHE D 17 13.51 34.54 -22.94
CA PHE D 17 12.81 33.25 -23.03
C PHE D 17 13.78 32.09 -22.78
N GLN D 18 13.37 31.16 -21.94
CA GLN D 18 14.11 29.92 -21.77
C GLN D 18 13.25 28.77 -22.28
N GLY D 19 13.79 27.99 -23.21
CA GLY D 19 13.07 26.80 -23.74
C GLY D 19 12.99 25.71 -22.67
N MSE D 20 12.05 24.77 -22.85
CA MSE D 20 11.87 23.73 -21.86
C MSE D 20 13.12 22.84 -21.78
O MSE D 20 13.52 22.44 -20.69
CB MSE D 20 10.62 22.90 -22.09
CG MSE D 20 10.32 22.10 -20.86
SE MSE D 20 8.72 21.08 -20.90
CE MSE D 20 7.38 22.45 -20.85
N ILE D 21 13.73 22.55 -22.91
CA ILE D 21 14.92 21.67 -22.91
C ILE D 21 16.05 22.24 -22.05
N GLU D 22 16.32 23.54 -22.19
CA GLU D 22 17.35 24.21 -21.39
C GLU D 22 16.97 24.26 -19.90
N SER D 23 15.70 24.54 -19.63
CA SER D 23 15.17 24.51 -18.26
C SER D 23 15.37 23.14 -17.61
N ILE D 24 15.06 22.07 -18.35
CA ILE D 24 15.23 20.69 -17.87
C ILE D 24 16.71 20.34 -17.66
N GLN D 25 17.58 20.78 -18.56
CA GLN D 25 19.03 20.60 -18.42
CA GLN D 25 19.03 20.56 -18.40
C GLN D 25 19.52 21.24 -17.10
N GLU D 26 19.00 22.42 -16.80
CA GLU D 26 19.35 23.05 -15.54
C GLU D 26 18.89 22.24 -14.31
N LEU D 27 17.67 21.71 -14.38
CA LEU D 27 17.14 20.83 -13.32
CA LEU D 27 17.14 20.84 -13.32
C LEU D 27 18.03 19.62 -13.12
N LEU D 28 18.52 19.03 -14.21
CA LEU D 28 19.43 17.90 -14.09
C LEU D 28 20.72 18.30 -13.39
N GLN D 29 21.25 19.46 -13.75
CA GLN D 29 22.47 19.93 -13.11
C GLN D 29 22.24 20.07 -11.61
N LYS D 30 21.11 20.65 -11.23
CA LYS D 30 20.77 20.86 -9.83
C LYS D 30 20.56 19.56 -9.06
N GLU D 31 19.83 18.62 -9.65
CA GLU D 31 19.63 17.33 -8.99
C GLU D 31 20.96 16.53 -8.89
N ALA D 32 21.72 16.49 -9.97
CA ALA D 32 23.03 15.85 -9.95
C ALA D 32 23.96 16.45 -8.87
N GLN D 33 23.99 17.79 -8.81
CA GLN D 33 24.80 18.45 -7.79
C GLN D 33 24.38 18.13 -6.36
N ALA D 34 23.08 18.02 -6.11
CA ALA D 34 22.57 17.64 -4.79
C ALA D 34 23.13 16.28 -4.38
N VAL D 35 23.16 15.36 -5.33
CA VAL D 35 23.70 14.04 -5.11
C VAL D 35 25.20 14.11 -4.82
N LEU D 36 25.94 14.87 -5.62
CA LEU D 36 27.39 15.01 -5.39
C LEU D 36 27.71 15.59 -4.01
N ASN D 37 26.78 16.41 -3.52
CA ASN D 37 26.93 17.11 -2.25
C ASN D 37 26.51 16.31 -1.01
N ILE D 38 25.96 15.11 -1.19
CA ILE D 38 25.57 14.28 -0.04
C ILE D 38 26.76 14.11 0.92
N PRO D 39 26.61 14.50 2.20
CA PRO D 39 27.77 14.33 3.08
C PRO D 39 28.15 12.87 3.27
N VAL D 40 29.45 12.59 3.18
CA VAL D 40 29.96 11.22 3.36
C VAL D 40 30.94 11.20 4.54
N THR D 41 30.50 10.60 5.65
CA THR D 41 31.28 10.50 6.88
C THR D 41 31.24 9.05 7.37
N ASP D 42 31.86 8.80 8.53
CA ASP D 42 31.86 7.46 9.13
CA ASP D 42 31.85 7.45 9.08
C ASP D 42 30.47 7.02 9.61
N ALA D 43 29.48 7.91 9.55
CA ALA D 43 28.10 7.54 9.87
C ALA D 43 27.64 6.39 8.97
N TYR D 44 28.01 6.40 7.69
CA TYR D 44 27.66 5.28 6.78
C TYR D 44 28.20 3.93 7.26
N GLU D 45 29.48 3.87 7.63
CA GLU D 45 30.00 2.64 8.14
C GLU D 45 29.28 2.19 9.40
N LYS D 46 28.89 3.13 10.27
CA LYS D 46 28.21 2.77 11.51
C LYS D 46 26.81 2.21 11.22
N ALA D 47 26.12 2.84 10.29
CA ALA D 47 24.79 2.38 9.84
C ALA D 47 24.85 0.98 9.18
N VAL D 48 25.83 0.82 8.31
CA VAL D 48 26.03 -0.48 7.63
C VAL D 48 26.38 -1.58 8.64
N GLU D 49 27.23 -1.26 9.61
CA GLU D 49 27.57 -2.17 10.69
C GLU D 49 26.32 -2.60 11.45
N LEU D 50 25.43 -1.66 11.75
CA LEU D 50 24.20 -1.98 12.47
C LEU D 50 23.30 -2.90 11.67
N ILE D 51 23.16 -2.63 10.38
CA ILE D 51 22.31 -3.45 9.50
C ILE D 51 22.88 -4.85 9.42
N VAL D 52 24.18 -4.94 9.20
CA VAL D 52 24.84 -6.26 9.14
C VAL D 52 24.67 -7.03 10.47
N GLU D 53 24.92 -6.36 11.58
CA GLU D 53 24.80 -6.99 12.89
C GLU D 53 23.37 -7.43 13.17
N GLN D 54 22.42 -6.51 13.05
CA GLN D 54 21.07 -6.81 13.47
C GLN D 54 20.37 -7.77 12.55
N ILE D 55 20.52 -7.57 11.24
CA ILE D 55 19.78 -8.37 10.28
C ILE D 55 20.58 -9.57 9.84
N HIS D 56 21.78 -9.35 9.31
CA HIS D 56 22.55 -10.44 8.74
C HIS D 56 23.08 -11.41 9.78
N ARG D 57 23.58 -10.90 10.89
CA ARG D 57 24.08 -11.80 11.94
C ARG D 57 22.99 -12.26 12.92
N LYS D 58 22.26 -11.32 13.53
CA LYS D 58 21.27 -11.67 14.55
C LYS D 58 19.92 -12.13 13.99
N LYS D 59 19.73 -11.99 12.68
CA LYS D 59 18.53 -12.45 11.98
C LYS D 59 17.27 -11.67 12.32
N GLY D 60 17.44 -10.42 12.74
CA GLY D 60 16.33 -9.48 12.79
C GLY D 60 15.95 -9.04 11.37
N LYS D 61 15.02 -8.10 11.29
CA LYS D 61 14.66 -7.48 10.01
C LYS D 61 14.76 -5.96 10.14
N LEU D 62 14.91 -5.31 9.00
CA LEU D 62 15.02 -3.86 8.94
C LEU D 62 13.64 -3.23 8.75
N VAL D 63 13.20 -2.42 9.70
CA VAL D 63 11.86 -1.82 9.65
C VAL D 63 12.02 -0.36 9.25
N THR D 64 11.55 -0.01 8.05
CA THR D 64 11.64 1.35 7.52
C THR D 64 10.34 2.10 7.76
N SER D 65 10.41 3.44 7.82
CA SER D 65 9.24 4.24 8.01
C SER D 65 9.49 5.68 7.61
N GLY D 66 8.41 6.35 7.21
CA GLY D 66 8.39 7.78 6.92
C GLY D 66 6.97 8.19 6.59
N MSE D 67 6.78 9.48 6.28
CA MSE D 67 5.48 9.98 5.92
C MSE D 67 5.63 10.65 4.58
O MSE D 67 6.71 11.10 4.21
CB MSE D 67 4.98 10.99 6.94
CG MSE D 67 4.56 10.50 8.27
SE MSE D 67 3.05 9.28 8.13
CE MSE D 67 1.80 10.55 7.32
N GLY D 68 4.52 10.71 3.86
CA GLY D 68 4.49 11.41 2.58
C GLY D 68 5.47 10.82 1.58
N LYS D 69 6.04 11.69 0.75
CA LYS D 69 6.93 11.22 -0.29
C LYS D 69 8.18 10.55 0.31
N ALA D 70 8.67 11.12 1.41
CA ALA D 70 9.82 10.56 2.16
C ALA D 70 9.50 9.11 2.60
N GLY D 71 8.25 8.90 3.00
CA GLY D 71 7.76 7.56 3.33
C GLY D 71 7.78 6.58 2.17
N GLN D 72 7.54 7.08 0.97
CA GLN D 72 7.58 6.25 -0.23
C GLN D 72 9.01 5.91 -0.60
N ILE D 73 9.94 6.78 -0.24
CA ILE D 73 11.34 6.43 -0.36
C ILE D 73 11.69 5.29 0.64
N ALA D 74 11.23 5.41 1.90
CA ALA D 74 11.35 4.34 2.89
C ALA D 74 10.81 2.99 2.38
N MSE D 75 9.66 3.02 1.70
CA MSE D 75 9.11 1.82 1.05
C MSE D 75 10.07 1.20 0.04
O MSE D 75 10.25 -0.02 0.01
CB MSE D 75 7.79 2.13 0.36
CG MSE D 75 6.67 2.51 1.30
SE MSE D 75 5.13 3.02 0.23
CE MSE D 75 4.20 3.84 1.70
N ASN D 76 10.66 2.06 -0.78
CA ASN D 76 11.57 1.62 -1.82
C ASN D 76 12.85 1.05 -1.24
N ILE D 77 13.29 1.58 -0.11
CA ILE D 77 14.50 1.08 0.54
C ILE D 77 14.24 -0.31 1.11
N ALA D 78 13.06 -0.51 1.71
CA ALA D 78 12.74 -1.82 2.24
C ALA D 78 12.76 -2.87 1.15
N THR D 79 12.16 -2.55 0.00
CA THR D 79 12.15 -3.45 -1.15
C THR D 79 13.56 -3.75 -1.66
N THR D 80 14.39 -2.72 -1.73
CA THR D 80 15.75 -2.91 -2.21
C THR D 80 16.56 -3.79 -1.27
N PHE D 81 16.38 -3.61 0.04
CA PHE D 81 17.01 -4.52 1.00
C PHE D 81 16.53 -5.96 0.88
N CYS D 82 15.22 -6.16 0.78
CA CYS D 82 14.69 -7.49 0.57
C CYS D 82 15.31 -8.12 -0.67
N SER D 83 15.47 -7.30 -1.73
CA SER D 83 15.97 -7.78 -3.03
C SER D 83 17.42 -8.17 -2.95
N THR D 84 18.11 -7.71 -1.90
CA THR D 84 19.54 -7.96 -1.75
C THR D 84 19.90 -8.73 -0.46
N GLY D 85 18.96 -9.49 0.06
CA GLY D 85 19.22 -10.44 1.13
C GLY D 85 19.15 -9.93 2.55
N ILE D 86 18.53 -8.77 2.75
CA ILE D 86 18.34 -8.15 4.04
C ILE D 86 16.84 -8.02 4.23
N PRO D 87 16.24 -8.96 4.97
CA PRO D 87 14.80 -8.85 5.11
C PRO D 87 14.38 -7.52 5.71
N SER D 88 13.37 -6.89 5.09
CA SER D 88 13.01 -5.54 5.45
CA SER D 88 12.99 -5.53 5.43
C SER D 88 11.52 -5.29 5.17
N VAL D 89 10.88 -4.48 6.02
CA VAL D 89 9.48 -4.16 5.81
CA VAL D 89 9.46 -4.18 5.90
C VAL D 89 9.24 -2.69 6.15
N PHE D 90 8.31 -2.07 5.42
CA PHE D 90 7.86 -0.71 5.73
C PHE D 90 6.78 -0.80 6.78
N LEU D 91 6.96 -0.05 7.87
CA LEU D 91 5.92 0.05 8.88
C LEU D 91 5.38 1.47 8.81
N HIS D 92 4.12 1.62 8.40
CA HIS D 92 3.56 2.95 8.32
C HIS D 92 3.47 3.54 9.73
N PRO D 93 4.01 4.74 9.93
CA PRO D 93 4.15 5.18 11.34
C PRO D 93 2.84 5.56 12.03
N SER D 94 1.84 5.97 11.25
CA SER D 94 0.48 6.16 11.78
CA SER D 94 0.51 6.16 11.83
C SER D 94 -0.16 4.82 12.09
N GLU D 95 -0.03 3.89 11.15
CA GLU D 95 -0.69 2.61 11.29
C GLU D 95 -0.12 1.83 12.45
N ALA D 96 1.14 2.07 12.75
CA ALA D 96 1.79 1.44 13.90
C ALA D 96 1.00 1.60 15.18
N GLN D 97 0.32 2.73 15.31
CA GLN D 97 -0.40 3.11 16.51
C GLN D 97 -1.76 2.42 16.63
N HIS D 98 -2.12 1.63 15.61
CA HIS D 98 -3.41 0.94 15.57
C HIS D 98 -3.23 -0.60 15.56
N GLY D 99 -2.04 -1.06 15.92
CA GLY D 99 -1.73 -2.47 16.05
C GLY D 99 -0.53 -2.94 15.27
N ASP D 100 -0.23 -2.27 14.15
CA ASP D 100 0.87 -2.69 13.28
C ASP D 100 2.22 -2.64 14.00
N LEU D 101 2.31 -1.93 15.14
CA LEU D 101 3.56 -1.96 15.90
C LEU D 101 3.97 -3.41 16.24
N GLY D 102 2.98 -4.29 16.36
CA GLY D 102 3.26 -5.71 16.65
C GLY D 102 4.02 -6.49 15.60
N ILE D 103 4.35 -5.87 14.47
CA ILE D 103 5.24 -6.46 13.49
CA ILE D 103 5.23 -6.49 13.48
C ILE D 103 6.66 -6.64 14.06
N LEU D 104 6.99 -5.83 15.05
CA LEU D 104 8.36 -5.80 15.57
C LEU D 104 8.72 -7.08 16.28
N GLN D 105 9.93 -7.53 16.02
CA GLN D 105 10.48 -8.75 16.58
C GLN D 105 11.79 -8.42 17.27
N GLU D 106 12.27 -9.36 18.08
CA GLU D 106 13.57 -9.22 18.71
C GLU D 106 14.65 -9.05 17.60
N ASN D 107 15.61 -8.21 17.91
CA ASN D 107 16.74 -7.94 17.05
C ASN D 107 16.43 -7.08 15.84
N ASP D 108 15.19 -6.60 15.69
CA ASP D 108 14.88 -5.70 14.60
C ASP D 108 15.63 -4.39 14.76
N LEU D 109 15.70 -3.67 13.65
CA LEU D 109 16.43 -2.39 13.53
C LEU D 109 15.55 -1.43 12.72
N LEU D 110 15.39 -0.20 13.21
CA LEU D 110 14.58 0.82 12.56
CA LEU D 110 14.59 0.83 12.57
C LEU D 110 15.42 1.71 11.63
N LEU D 111 14.85 2.04 10.47
CA LEU D 111 15.44 3.06 9.54
C LEU D 111 14.32 4.06 9.29
N LEU D 112 14.46 5.27 9.82
CA LEU D 112 13.41 6.26 9.79
C LEU D 112 13.82 7.40 8.89
N ILE D 113 12.87 7.88 8.07
CA ILE D 113 13.16 9.00 7.17
C ILE D 113 12.25 10.16 7.52
N SER D 114 12.86 11.30 7.84
CA SER D 114 12.15 12.51 8.22
C SER D 114 13.02 13.68 7.75
N ASN D 115 12.59 14.36 6.71
CA ASN D 115 13.31 15.51 6.25
C ASN D 115 13.49 16.57 7.36
N SER D 116 12.40 16.93 8.00
CA SER D 116 12.41 17.92 9.07
C SER D 116 13.11 17.42 10.34
N GLY D 117 13.10 16.11 10.54
CA GLY D 117 13.62 15.51 11.77
C GLY D 117 12.69 15.66 12.96
N LYS D 118 11.45 16.06 12.69
CA LYS D 118 10.44 16.18 13.73
C LYS D 118 9.06 15.75 13.23
N THR D 119 9.02 14.92 12.20
CA THR D 119 7.73 14.42 11.68
C THR D 119 6.87 13.83 12.83
N ARG D 120 5.67 14.36 13.01
CA ARG D 120 4.81 13.98 14.15
C ARG D 120 4.71 12.46 14.32
N GLU D 121 4.34 11.76 13.26
CA GLU D 121 4.09 10.33 13.35
C GLU D 121 5.36 9.55 13.60
N ILE D 122 6.51 10.10 13.22
CA ILE D 122 7.77 9.39 13.42
C ILE D 122 8.25 9.53 14.84
N VAL D 123 8.03 10.72 15.42
CA VAL D 123 8.36 10.96 16.81
C VAL D 123 7.47 10.07 17.69
N GLU D 124 6.19 10.04 17.36
CA GLU D 124 5.27 9.15 18.04
C GLU D 124 5.68 7.67 17.93
N LEU D 125 6.14 7.27 16.75
CA LEU D 125 6.54 5.90 16.53
C LEU D 125 7.72 5.53 17.39
N THR D 126 8.71 6.42 17.48
CA THR D 126 9.92 6.07 18.21
C THR D 126 9.59 5.86 19.69
N GLN D 127 8.72 6.70 20.23
CA GLN D 127 8.27 6.61 21.62
C GLN D 127 7.55 5.29 21.87
N LEU D 128 6.63 4.95 20.96
CA LEU D 128 5.84 3.74 21.11
CA LEU D 128 5.84 3.72 21.07
C LEU D 128 6.74 2.51 20.96
N ALA D 129 7.64 2.55 19.98
CA ALA D 129 8.57 1.44 19.74
C ALA D 129 9.50 1.23 20.96
N HIS D 130 9.98 2.34 21.53
CA HIS D 130 10.87 2.28 22.68
C HIS D 130 10.18 1.67 23.90
N ASN D 131 8.90 1.97 24.08
CA ASN D 131 8.08 1.37 25.14
C ASN D 131 7.89 -0.13 24.93
N LEU D 132 7.72 -0.56 23.69
CA LEU D 132 7.61 -1.97 23.39
C LEU D 132 8.95 -2.71 23.57
N ASN D 133 10.03 -2.15 23.03
CA ASN D 133 11.33 -2.76 23.08
C ASN D 133 12.42 -1.69 23.19
N PRO D 134 12.84 -1.39 24.42
CA PRO D 134 13.83 -0.31 24.60
C PRO D 134 15.19 -0.57 23.98
N GLY D 135 15.50 -1.83 23.59
CA GLY D 135 16.76 -2.19 22.98
C GLY D 135 16.85 -1.86 21.49
N LEU D 136 15.70 -1.59 20.88
CA LEU D 136 15.62 -1.24 19.46
CA LEU D 136 15.65 -1.25 19.45
C LEU D 136 16.46 0.01 19.13
N LYS D 137 17.28 -0.07 18.09
CA LYS D 137 18.07 1.07 17.64
C LYS D 137 17.46 1.70 16.41
N PHE D 138 17.85 2.95 16.11
CA PHE D 138 17.41 3.52 14.87
C PHE D 138 18.40 4.41 14.18
N ILE D 139 18.34 4.27 12.86
CA ILE D 139 19.09 5.07 11.91
C ILE D 139 18.06 6.05 11.38
N VAL D 140 18.43 7.33 11.36
CA VAL D 140 17.55 8.34 10.77
CA VAL D 140 17.59 8.39 10.81
C VAL D 140 18.22 8.98 9.56
N ILE D 141 17.43 9.16 8.48
CA ILE D 141 17.82 9.93 7.31
C ILE D 141 17.05 11.24 7.40
N THR D 142 17.76 12.37 7.38
CA THR D 142 17.13 13.64 7.63
C THR D 142 17.82 14.77 6.91
N GLY D 143 17.08 15.85 6.66
CA GLY D 143 17.68 17.09 6.18
C GLY D 143 18.18 18.01 7.30
N ASN D 144 17.91 17.64 8.54
CA ASN D 144 18.27 18.47 9.69
C ASN D 144 18.93 17.66 10.80
N PRO D 145 20.25 17.54 10.73
CA PRO D 145 20.98 16.78 11.75
C PRO D 145 20.97 17.40 13.15
N ASP D 146 20.43 18.60 13.32
CA ASP D 146 20.29 19.18 14.66
C ASP D 146 18.90 18.93 15.28
N SER D 147 18.07 18.17 14.60
CA SER D 147 16.71 17.93 15.04
C SER D 147 16.61 16.93 16.18
N PRO D 148 15.42 16.83 16.79
CA PRO D 148 15.20 15.85 17.86
C PRO D 148 15.45 14.41 17.42
N LEU D 149 14.86 14.01 16.28
CA LEU D 149 15.09 12.66 15.78
C LEU D 149 16.57 12.40 15.49
N ALA D 150 17.26 13.36 14.87
CA ALA D 150 18.68 13.19 14.60
C ALA D 150 19.49 12.98 15.88
N SER D 151 19.24 13.80 16.90
CA SER D 151 20.00 13.71 18.14
CA SER D 151 19.98 13.72 18.16
C SER D 151 19.69 12.43 18.93
N GLU D 152 18.45 11.96 18.85
CA GLU D 152 18.05 10.74 19.53
C GLU D 152 18.53 9.47 18.81
N SER D 153 18.89 9.58 17.53
CA SER D 153 19.20 8.42 16.71
C SER D 153 20.51 7.71 17.13
N ASP D 154 20.63 6.43 16.80
CA ASP D 154 21.91 5.72 16.94
C ASP D 154 22.89 6.13 15.84
N VAL D 155 22.33 6.45 14.66
CA VAL D 155 23.12 6.93 13.54
C VAL D 155 22.26 7.90 12.73
N CYS D 156 22.85 9.05 12.40
CA CYS D 156 22.20 10.05 11.61
C CYS D 156 22.89 10.20 10.27
N LEU D 157 22.12 10.04 9.19
CA LEU D 157 22.58 10.25 7.83
C LEU D 157 21.88 11.50 7.30
N SER D 158 22.70 12.51 7.00
CA SER D 158 22.20 13.78 6.49
CA SER D 158 22.22 13.80 6.49
C SER D 158 22.09 13.83 4.97
N THR D 159 21.04 14.51 4.49
CA THR D 159 20.86 14.71 3.08
C THR D 159 21.76 15.82 2.50
N GLY D 160 22.29 16.69 3.38
CA GLY D 160 22.92 17.94 2.98
C GLY D 160 21.91 19.06 2.73
N HIS D 161 20.63 18.72 2.81
CA HIS D 161 19.58 19.71 2.70
C HIS D 161 19.63 20.59 1.42
N PRO D 162 19.60 19.93 0.27
CA PRO D 162 19.59 20.63 -0.99
C PRO D 162 18.33 21.48 -1.19
N ALA D 163 18.46 22.55 -1.95
CA ALA D 163 17.31 23.36 -2.30
C ALA D 163 16.41 22.51 -3.19
N GLU D 164 15.09 22.57 -2.95
CA GLU D 164 14.14 21.87 -3.83
C GLU D 164 14.08 22.56 -5.21
N VAL D 165 13.86 21.79 -6.26
CA VAL D 165 13.68 22.33 -7.60
C VAL D 165 12.22 22.74 -7.88
N CYS D 166 11.32 22.46 -6.95
CA CYS D 166 10.00 23.05 -6.93
C CYS D 166 10.03 24.53 -7.22
N THR D 167 9.06 25.02 -7.98
CA THR D 167 9.01 26.45 -8.33
C THR D 167 8.77 27.33 -7.12
N LEU D 168 8.22 26.73 -6.07
CA LEU D 168 7.96 27.42 -4.81
C LEU D 168 9.03 27.11 -3.76
N GLY D 169 10.01 26.28 -4.10
CA GLY D 169 11.01 25.82 -3.14
C GLY D 169 10.55 24.83 -2.07
N MSE D 170 9.36 24.24 -2.23
CA MSE D 170 8.72 23.49 -1.15
C MSE D 170 8.54 22.02 -1.41
O MSE D 170 8.68 21.22 -0.50
CB MSE D 170 7.33 24.09 -0.92
CG MSE D 170 7.38 25.58 -0.77
SE MSE D 170 7.84 25.89 1.04
CE MSE D 170 5.91 26.00 1.25
N THR D 171 8.12 21.64 -2.62
CA THR D 171 7.81 20.27 -2.91
C THR D 171 9.07 19.38 -2.82
N PRO D 172 8.96 18.22 -2.15
CA PRO D 172 10.12 17.32 -2.08
C PRO D 172 10.48 16.78 -3.46
N THR D 173 11.68 17.12 -3.88
CA THR D 173 12.15 16.78 -5.19
C THR D 173 13.63 16.37 -5.04
N THR D 174 14.52 17.36 -5.00
CA THR D 174 15.92 17.07 -4.75
CA THR D 174 15.91 17.14 -4.73
C THR D 174 16.12 16.34 -3.42
N SER D 175 15.36 16.68 -2.38
CA SER D 175 15.49 16.00 -1.08
C SER D 175 15.17 14.49 -1.20
N THR D 176 14.09 14.16 -1.88
CA THR D 176 13.75 12.73 -2.05
C THR D 176 14.68 12.00 -3.03
N THR D 177 15.29 12.71 -4.00
CA THR D 177 16.29 12.12 -4.90
C THR D 177 17.52 11.76 -4.09
N VAL D 178 17.95 12.68 -3.22
CA VAL D 178 19.05 12.37 -2.32
C VAL D 178 18.70 11.17 -1.41
N MSE D 179 17.50 11.19 -0.85
CA MSE D 179 17.05 10.11 0.04
C MSE D 179 17.14 8.75 -0.67
O MSE D 179 17.63 7.79 -0.08
CB MSE D 179 15.64 10.39 0.53
CG MSE D 179 15.64 11.37 1.68
SE MSE D 179 13.87 12.02 1.92
CE MSE D 179 14.15 13.18 3.43
N THR D 180 16.76 8.69 -1.95
CA THR D 180 16.76 7.40 -2.63
C THR D 180 18.20 6.95 -2.89
N VAL D 181 19.09 7.93 -3.11
CA VAL D 181 20.50 7.64 -3.26
C VAL D 181 21.14 7.15 -1.99
N ILE D 182 20.83 7.78 -0.85
CA ILE D 182 21.30 7.32 0.45
C ILE D 182 20.84 5.87 0.65
N GLY D 183 19.60 5.60 0.29
CA GLY D 183 19.09 4.23 0.25
C GLY D 183 19.95 3.30 -0.59
N ASP D 184 20.27 3.71 -1.81
CA ASP D 184 21.13 2.90 -2.68
C ASP D 184 22.50 2.62 -2.03
N ILE D 185 23.10 3.66 -1.43
CA ILE D 185 24.41 3.53 -0.75
C ILE D 185 24.36 2.49 0.37
N LEU D 186 23.33 2.57 1.21
CA LEU D 186 23.21 1.62 2.30
C LEU D 186 23.08 0.18 1.77
N VAL D 187 22.28 0.00 0.72
CA VAL D 187 22.11 -1.32 0.09
C VAL D 187 23.41 -1.86 -0.52
N VAL D 188 24.12 -1.02 -1.29
CA VAL D 188 25.32 -1.46 -1.94
C VAL D 188 26.43 -1.76 -0.93
N GLN D 189 26.62 -0.89 0.05
CA GLN D 189 27.68 -1.14 1.01
C GLN D 189 27.38 -2.37 1.89
N THR D 190 26.11 -2.58 2.23
CA THR D 190 25.72 -3.74 3.02
C THR D 190 25.96 -5.03 2.17
N MSE D 191 25.60 -5.01 0.89
CA MSE D 191 25.69 -6.21 0.06
C MSE D 191 27.12 -6.61 -0.23
O MSE D 191 27.41 -7.78 -0.47
CB MSE D 191 24.86 -6.12 -1.23
CG MSE D 191 25.36 -5.20 -2.26
SE MSE D 191 24.12 -4.92 -3.70
CE MSE D 191 23.95 -6.78 -4.32
N LYS D 192 28.03 -5.62 -0.22
CA LYS D 192 29.46 -5.91 -0.24
C LYS D 192 29.83 -6.68 1.00
N ARG D 193 29.39 -6.22 2.17
CA ARG D 193 29.76 -6.87 3.42
CA ARG D 193 29.75 -6.89 3.42
C ARG D 193 29.15 -8.27 3.55
N THR D 194 27.89 -8.43 3.13
CA THR D 194 27.21 -9.73 3.22
C THR D 194 27.58 -10.69 2.07
N GLU D 195 28.28 -10.17 1.07
CA GLU D 195 28.75 -10.95 -0.07
C GLU D 195 27.58 -11.63 -0.80
N PHE D 196 26.49 -10.87 -0.89
CA PHE D 196 25.32 -11.31 -1.61
C PHE D 196 25.69 -11.78 -3.02
N THR D 197 25.11 -12.91 -3.42
CA THR D 197 25.45 -13.54 -4.67
C THR D 197 24.33 -13.48 -5.70
N ILE D 198 24.71 -13.79 -6.95
CA ILE D 198 23.77 -13.85 -8.04
C ILE D 198 22.74 -14.98 -7.83
N GLU D 199 23.19 -16.11 -7.26
CA GLU D 199 22.26 -17.19 -6.86
C GLU D 199 21.20 -16.74 -5.86
N GLU D 200 21.62 -16.00 -4.85
CA GLU D 200 20.68 -15.49 -3.85
C GLU D 200 19.74 -14.44 -4.45
N TYR D 201 20.28 -13.62 -5.36
CA TYR D 201 19.46 -12.66 -6.09
CA TYR D 201 19.50 -12.68 -6.12
C TYR D 201 18.39 -13.39 -6.88
N SER D 202 18.77 -14.45 -7.59
CA SER D 202 17.88 -15.20 -8.45
C SER D 202 16.72 -15.80 -7.67
N LYS D 203 16.98 -16.24 -6.44
CA LYS D 203 15.94 -16.85 -5.60
C LYS D 203 14.87 -15.88 -5.11
N ARG D 204 15.12 -14.58 -5.26
CA ARG D 204 14.20 -13.55 -4.80
C ARG D 204 13.52 -12.80 -5.95
N HIS D 205 13.63 -13.34 -7.16
CA HIS D 205 13.08 -12.68 -8.33
C HIS D 205 12.54 -13.69 -9.33
N HIS D 206 11.61 -13.26 -10.16
CA HIS D 206 11.17 -14.16 -11.25
C HIS D 206 12.28 -14.46 -12.25
N GLY D 207 12.05 -15.50 -13.05
CA GLY D 207 13.10 -16.03 -13.95
C GLY D 207 13.58 -15.09 -15.03
N GLY D 208 12.75 -14.11 -15.39
CA GLY D 208 13.15 -13.09 -16.35
C GLY D 208 14.33 -12.28 -15.91
N TYR D 209 14.49 -12.09 -14.60
CA TYR D 209 15.64 -11.37 -14.07
C TYR D 209 17.00 -12.07 -14.34
N LEU D 210 16.97 -13.39 -14.55
CA LEU D 210 18.17 -14.16 -14.89
C LEU D 210 18.24 -14.48 -16.39
N GLY D 211 17.35 -13.87 -17.19
CA GLY D 211 17.28 -14.19 -18.62
C GLY D 211 16.60 -15.52 -18.88
N GLU D 212 15.96 -16.11 -17.87
CA GLU D 212 15.38 -17.45 -17.98
C GLU D 212 13.97 -17.39 -18.58
N1C CMK E . -9.29 -18.24 -13.03
C2C CMK E . -9.16 -19.15 -14.00
N3C CMK E . -8.00 -19.81 -14.22
C4C CMK E . -6.92 -19.55 -13.44
C5C CMK E . -7.03 -18.61 -12.43
C6C CMK E . -8.24 -17.97 -12.25
O2C CMK E . -10.12 -19.41 -14.74
N4C CMK E . -5.77 -20.21 -13.68
C1' CMK E . -10.57 -17.57 -12.84
C2' CMK E . -11.24 -17.98 -11.53
O2' CMK E . -11.98 -19.20 -11.59
C3' CMK E . -12.14 -16.79 -11.23
C4' CMK E . -11.37 -15.62 -11.83
O4' CMK E . -10.41 -16.16 -12.74
O3' CMK E . -13.40 -16.92 -11.87
C5' CMK E . -10.65 -14.77 -10.79
O5' CMK E . -9.90 -15.59 -9.90
PA CMK E . -8.43 -15.14 -9.40
O1A CMK E . -7.85 -16.34 -8.67
O2A CMK E . -7.57 -14.52 -10.49
O6 CMK E . -10.86 -13.68 -7.64
C2 CMK E . -9.51 -13.84 -7.21
O2 CMK E . -8.68 -13.91 -8.33
C3 CMK E . -9.09 -12.57 -6.50
C4 CMK E . -10.10 -12.15 -5.42
O4 CMK E . -9.74 -10.89 -4.87
C5 CMK E . -11.50 -12.14 -5.96
C6 CMK E . -11.76 -13.51 -6.55
C7 CMK E . -13.18 -13.66 -7.05
C1 CMK E . -9.42 -15.07 -6.32
O1X CMK E . -10.08 -16.08 -6.65
O1Y CMK E . -8.80 -15.00 -5.22
O5 CMK E . -11.69 -11.08 -6.90
C8 CMK E . -13.33 -14.87 -8.01
O8 CMK E . -12.63 -16.06 -7.55
O7 CMK E . -13.98 -13.87 -5.89
C1 EDO F . -4.46 -13.50 -15.82
O1 EDO F . -4.14 -12.38 -16.65
C2 EDO F . -4.17 -13.07 -14.39
O2 EDO F . -3.89 -11.64 -14.41
C1 EDO G . 6.81 -13.94 -14.22
O1 EDO G . 6.70 -14.33 -15.59
C2 EDO G . 6.47 -12.46 -14.02
O2 EDO G . 6.03 -12.36 -12.66
C1 EDO H . -32.56 -9.43 8.62
O1 EDO H . -33.27 -8.20 8.51
C2 EDO H . -31.45 -9.20 9.65
O2 EDO H . -31.95 -9.30 10.99
N1C CMK I . -9.97 7.42 21.30
C2C CMK I . -10.06 8.32 22.28
N3C CMK I . -10.05 9.64 22.05
C4C CMK I . -9.95 10.10 20.79
C5C CMK I . -9.86 9.20 19.75
C6C CMK I . -9.87 7.84 20.03
O2C CMK I . -10.16 7.96 23.44
N4C CMK I . -9.94 11.42 20.57
C1' CMK I . -9.97 5.98 21.56
C2' CMK I . -11.23 5.31 21.02
O2' CMK I . -12.35 5.47 21.89
C3' CMK I . -10.78 3.87 20.87
C4' CMK I . -9.30 3.99 20.52
O4' CMK I . -8.89 5.32 20.88
O3' CMK I . -10.97 3.12 22.07
C5' CMK I . -9.05 3.76 19.06
O5' CMK I . -9.96 4.55 18.28
PA CMK I . -9.43 5.26 16.92
O1A CMK I . -10.59 6.12 16.46
O2A CMK I . -8.06 5.87 17.19
O6 CMK I . -10.02 1.99 16.51
C2 CMK I . -9.93 2.99 15.50
O2 CMK I . -9.11 4.05 15.95
C3 CMK I . -9.22 2.36 14.32
C4 CMK I . -9.85 1.03 13.89
O4 CMK I . -9.07 0.45 12.84
C5 CMK I . -9.98 0.10 15.07
C6 CMK I . -10.79 0.86 16.12
C7 CMK I . -11.15 -0.01 17.33
C1 CMK I . -11.34 3.50 15.17
O1X CMK I . -12.12 3.65 16.14
O1Y CMK I . -11.67 3.71 13.97
O5 CMK I . -8.66 -0.28 15.55
C8 CMK I . -11.48 0.86 18.54
O8 CMK I . -12.48 1.84 18.22
O7 CMK I . -12.26 -0.84 16.96
C1 EDO J . -27.06 11.95 11.02
O1 EDO J . -26.20 11.97 12.18
C2 EDO J . -26.26 12.32 9.77
O2 EDO J . -25.39 13.41 10.10
C1 EDO K . -14.01 27.02 4.06
O1 EDO K . -13.69 26.05 3.07
C2 EDO K . -14.58 26.34 5.31
O2 EDO K . -13.54 25.69 6.08
C1 EDO L . -27.75 3.07 9.55
O1 EDO L . -28.88 2.45 8.92
C2 EDO L . -28.21 3.83 10.79
O2 EDO L . -27.30 4.90 11.12
N1C CMK M . 11.88 -9.66 -18.71
C2C CMK M . 11.93 -10.52 -19.74
N3C CMK M . 10.84 -10.78 -20.51
C4C CMK M . 9.67 -10.15 -20.26
C5C CMK M . 9.59 -9.27 -19.19
C6C CMK M . 10.73 -9.03 -18.44
O2C CMK M . 12.99 -11.12 -19.97
N4C CMK M . 8.60 -10.41 -21.04
C1' CMK M . 13.08 -9.44 -17.91
C2' CMK M . 13.65 -8.04 -18.08
O2' CMK M . 14.50 -7.86 -19.21
C3' CMK M . 14.38 -7.85 -16.75
C4' CMK M . 13.54 -8.65 -15.75
O4' CMK M . 12.76 -9.55 -16.53
O3' CMK M . 15.70 -8.42 -16.79
C5' CMK M . 12.64 -7.83 -14.85
O5' CMK M . 11.91 -6.89 -15.62
PA CMK M . 10.40 -6.55 -15.27
O1A CMK M . 9.89 -5.70 -16.41
O2A CMK M . 9.60 -7.76 -14.89
O6 CMK M . 12.53 -4.87 -13.42
C2 CMK M . 11.15 -4.51 -13.62
O2 CMK M . 10.44 -5.72 -13.87
C3 CMK M . 10.52 -3.98 -12.35
C4 CMK M . 11.39 -2.87 -11.76
O4 CMK M . 10.94 -2.54 -10.46
C5 CMK M . 12.85 -3.33 -11.66
C6 CMK M . 13.31 -3.74 -13.04
C7 CMK M . 14.77 -4.10 -13.09
C1 CMK M . 11.07 -3.49 -14.76
O1X CMK M . 11.84 -3.68 -15.76
O1Y CMK M . 10.28 -2.50 -14.65
O5 CMK M . 12.98 -4.41 -10.71
C8 CMK M . 15.10 -4.86 -14.37
O8 CMK M . 14.48 -4.26 -15.50
O7 CMK M . 15.48 -2.87 -13.01
C1 EDO N . 6.32 6.05 -29.15
O1 EDO N . 5.57 5.96 -30.38
C2 EDO N . 6.36 7.49 -28.64
O2 EDO N . 7.53 8.12 -29.15
N1C CMK O . 6.90 20.83 11.09
C2C CMK O . 6.79 21.68 12.11
N3C CMK O . 6.70 21.25 13.38
C4C CMK O . 6.69 19.92 13.63
C5C CMK O . 6.78 19.02 12.59
C6C CMK O . 6.89 19.50 11.29
O2C CMK O . 6.82 22.91 11.86
N4C CMK O . 6.58 19.47 14.90
C1' CMK O . 7.03 21.35 9.72
C2' CMK O . 8.38 21.07 9.06
O2' CMK O . 9.40 22.02 9.37
C3' CMK O . 8.02 21.06 7.58
C4' CMK O . 6.58 20.56 7.58
O4' CMK O . 6.08 20.66 8.93
O3' CMK O . 8.11 22.37 7.01
C5' CMK O . 6.41 19.15 7.10
O5' CMK O . 7.34 18.27 7.74
PA CMK O . 6.86 16.80 8.25
O1A CMK O . 7.96 16.34 9.18
O2A CMK O . 5.43 16.88 8.76
O6 CMK O . 7.83 16.84 5.12
C2 CMK O . 7.78 15.67 5.92
O2 CMK O . 6.78 15.93 6.90
C3 CMK O . 7.31 14.53 5.04
C4 CMK O . 8.07 14.35 3.73
O4 CMK O . 7.39 13.39 2.91
C5 CMK O . 8.18 15.69 3.01
C6 CMK O . 8.74 16.67 4.03
C7 CMK O . 8.97 18.03 3.41
C1 CMK O . 9.17 15.41 6.49
O1X CMK O . 9.87 16.43 6.76
O1Y CMK O . 9.58 14.23 6.67
O5 CMK O . 6.93 16.10 2.47
C8 CMK O . 9.25 19.14 4.41
O8 CMK O . 10.16 18.69 5.41
O7 CMK O . 10.09 17.95 2.58
C1 EDO P . 26.24 11.00 6.78
O1 EDO P . 27.52 10.80 6.14
C2 EDO P . 26.07 12.49 7.05
O2 EDO P . 25.40 12.72 8.28
C1 EDO Q . 29.48 -4.64 13.12
O1 EDO Q . 28.61 -5.11 12.05
C2 EDO Q . 29.00 -5.12 14.50
O2 EDO Q . 28.64 -4.07 15.40
#